data_6A6P
#
_entry.id   6A6P
#
_cell.length_a   39.605
_cell.length_b   95.749
_cell.length_c   96.936
_cell.angle_alpha   90.00
_cell.angle_beta   97.91
_cell.angle_gamma   90.00
#
_symmetry.space_group_name_H-M   'P 1 21 1'
#
loop_
_entity.id
_entity.type
_entity.pdbx_description
1 polymer 'Peroxisome proliferator-activated receptor delta'
2 non-polymer '{2-methyl-4-[({5-[4-(trifluoromethyl)phenyl]-1,3,4-thiadiazol-2-yl}methyl)sulfanyl]phenoxy}acetic acid'
3 non-polymer 'heptyl beta-D-glucopyranoside'
4 non-polymer 3,6,9,12,15,18,21,24,27,30,33,36,39-TRIDECAOXAHENTETRACONTANE-1,41-DIOL
5 water water
#
_entity_poly.entity_id   1
_entity_poly.type   'polypeptide(L)'
_entity_poly.pdbx_seq_one_letter_code
;QVADLKAFSKHIYNAYLKNFNMTKKKARSILTGKASHTAPFVIHDIETLWQAEKGLVWKQLVNGLPPYKEISVHVFYRCQ
CTTVETVRELTEFAKSIPSFSSLFLNDQVTLLKYGVHEAIFAMLASIVNKDGLLVANGSGFVTREFLRSLRKPFSDIIEP
KFEFAVKFNALELDDSDLALFIAAIILCGDRPGLMNVPRVEAIQDTILRALEFHLQANHPDAQYLFPKLLQKMADLRQLV
TEHAQMMQRIKKTETETSLHPLLQEIYKDM
;
_entity_poly.pdbx_strand_id   A,B
#
loop_
_chem_comp.id
_chem_comp.type
_chem_comp.name
_chem_comp.formula
9RF non-polymer '{2-methyl-4-[({5-[4-(trifluoromethyl)phenyl]-1,3,4-thiadiazol-2-yl}methyl)sulfanyl]phenoxy}acetic acid' 'C19 H15 F3 N2 O3 S2'
B7G D-saccharide 'heptyl beta-D-glucopyranoside' 'C13 H26 O6'
PE3 non-polymer 3,6,9,12,15,18,21,24,27,30,33,36,39-TRIDECAOXAHENTETRACONTANE-1,41-DIOL 'C28 H58 O15'
#
# COMPACT_ATOMS: atom_id res chain seq x y z
N GLN A 1 -17.30 -25.53 7.40
CA GLN A 1 -15.85 -25.50 7.24
C GLN A 1 -15.19 -25.35 8.61
N VAL A 2 -15.54 -26.23 9.54
CA VAL A 2 -15.13 -26.07 10.93
C VAL A 2 -13.62 -26.12 11.09
N ALA A 3 -12.89 -26.62 10.11
CA ALA A 3 -11.46 -26.81 10.23
C ALA A 3 -10.63 -26.00 9.26
N ASP A 4 -11.22 -25.50 8.16
CA ASP A 4 -10.55 -24.45 7.41
C ASP A 4 -10.46 -23.19 8.25
N LEU A 5 -11.45 -22.95 9.10
CA LEU A 5 -11.45 -21.74 9.90
C LEU A 5 -10.44 -21.84 11.04
N LYS A 6 -10.18 -23.04 11.55
CA LYS A 6 -9.16 -23.23 12.58
C LYS A 6 -7.78 -22.91 12.04
N ALA A 7 -7.45 -23.43 10.85
CA ALA A 7 -6.19 -23.06 10.19
C ALA A 7 -6.13 -21.55 9.94
N PHE A 8 -7.21 -20.98 9.43
CA PHE A 8 -7.26 -19.54 9.19
C PHE A 8 -6.91 -18.78 10.46
N SER A 9 -7.51 -19.18 11.58
CA SER A 9 -7.25 -18.54 12.86
C SER A 9 -5.78 -18.66 13.24
N LYS A 10 -5.22 -19.87 13.16
CA LYS A 10 -3.83 -20.04 13.58
C LYS A 10 -2.90 -19.17 12.75
N HIS A 11 -3.20 -19.01 11.47
CA HIS A 11 -2.37 -18.14 10.65
C HIS A 11 -2.42 -16.69 11.14
N ILE A 12 -3.61 -16.21 11.52
CA ILE A 12 -3.73 -14.83 11.99
C ILE A 12 -3.03 -14.66 13.33
N TYR A 13 -3.11 -15.67 14.20
CA TYR A 13 -2.42 -15.62 15.49
C TYR A 13 -0.91 -15.55 15.29
N ASN A 14 -0.40 -16.28 14.30
CA ASN A 14 1.04 -16.26 14.04
C ASN A 14 1.47 -14.90 13.49
N ALA A 15 0.64 -14.28 12.66
CA ALA A 15 0.93 -12.92 12.20
C ALA A 15 1.00 -11.95 13.38
N TYR A 16 0.11 -12.14 14.35
CA TYR A 16 0.10 -11.35 15.57
C TYR A 16 1.37 -11.58 16.40
N LEU A 17 1.68 -12.85 16.69
CA LEU A 17 2.86 -13.17 17.47
C LEU A 17 4.12 -12.63 16.83
N LYS A 18 4.16 -12.60 15.50
CA LYS A 18 5.33 -12.16 14.76
C LYS A 18 5.51 -10.64 14.71
N ASN A 19 4.46 -9.84 14.88
CA ASN A 19 4.55 -8.42 14.54
C ASN A 19 4.32 -7.46 15.70
N PHE A 20 3.77 -7.91 16.81
CA PHE A 20 3.50 -7.00 17.92
C PHE A 20 4.56 -7.15 19.01
N ASN A 21 5.14 -6.02 19.39
CA ASN A 21 6.23 -6.01 20.36
C ASN A 21 5.75 -6.43 21.74
N MET A 22 4.57 -5.98 22.13
CA MET A 22 3.97 -6.28 23.41
C MET A 22 2.76 -7.19 23.19
N THR A 23 2.80 -8.41 23.73
CA THR A 23 1.58 -9.23 23.82
C THR A 23 0.86 -8.91 25.13
N LYS A 24 -0.41 -9.32 25.19
CA LYS A 24 -1.15 -9.21 26.45
C LYS A 24 -0.60 -10.15 27.51
N LYS A 25 -0.18 -11.36 27.09
CA LYS A 25 0.47 -12.26 28.03
C LYS A 25 1.63 -11.56 28.74
N LYS A 26 2.57 -11.01 27.96
CA LYS A 26 3.69 -10.27 28.54
C LYS A 26 3.18 -9.11 29.38
N ALA A 27 2.26 -8.31 28.84
CA ALA A 27 1.80 -7.12 29.55
C ALA A 27 1.26 -7.46 30.93
N ARG A 28 0.45 -8.51 31.04
CA ARG A 28 -0.18 -8.82 32.32
C ARG A 28 0.82 -9.38 33.33
N SER A 29 1.83 -10.11 32.87
CA SER A 29 2.84 -10.58 33.80
C SER A 29 3.64 -9.42 34.36
N ILE A 30 3.91 -8.39 33.54
CA ILE A 30 4.57 -7.21 34.07
C ILE A 30 3.68 -6.52 35.09
N LEU A 31 2.42 -6.32 34.76
CA LEU A 31 1.52 -5.54 35.62
C LEU A 31 1.19 -6.24 36.93
N THR A 32 1.44 -7.54 37.03
CA THR A 32 1.24 -8.25 38.29
C THR A 32 2.57 -8.55 38.97
N GLY A 33 3.64 -7.90 38.52
CA GLY A 33 4.95 -7.99 39.17
C GLY A 33 5.57 -9.36 39.16
N LYS A 34 5.38 -10.12 38.07
CA LYS A 34 5.91 -11.47 37.96
C LYS A 34 6.61 -11.72 36.64
N ALA A 35 7.36 -10.73 36.14
CA ALA A 35 8.00 -10.86 34.83
C ALA A 35 9.52 -10.70 34.88
N SER A 36 10.03 -9.82 35.73
CA SER A 36 11.46 -9.55 35.78
C SER A 36 11.88 -9.42 37.24
N HIS A 37 13.20 -9.30 37.47
CA HIS A 37 13.66 -9.02 38.81
C HIS A 37 13.56 -7.54 39.17
N THR A 38 12.97 -6.71 38.32
CA THR A 38 12.75 -5.31 38.63
C THR A 38 11.46 -4.86 37.96
N ALA A 39 10.66 -4.11 38.71
CA ALA A 39 9.37 -3.62 38.27
C ALA A 39 9.53 -2.47 37.28
N PRO A 40 8.46 -2.09 36.58
CA PRO A 40 8.55 -0.90 35.73
C PRO A 40 8.71 0.34 36.60
N PHE A 41 9.49 1.28 36.11
CA PHE A 41 9.64 2.57 36.77
C PHE A 41 8.34 3.36 36.69
N VAL A 42 7.79 3.76 37.84
CA VAL A 42 6.50 4.44 37.89
C VAL A 42 6.68 5.95 37.67
N ILE A 43 6.03 6.47 36.63
CA ILE A 43 6.00 7.90 36.33
C ILE A 43 4.71 8.47 36.89
N HIS A 44 4.81 9.31 37.93
CA HIS A 44 3.63 9.86 38.55
C HIS A 44 3.69 11.37 38.78
N ASP A 45 4.77 12.03 38.37
CA ASP A 45 4.86 13.48 38.52
C ASP A 45 6.03 13.97 37.66
N ILE A 46 6.29 15.27 37.74
CA ILE A 46 7.30 15.87 36.88
C ILE A 46 8.66 15.24 37.12
N GLU A 47 9.02 15.05 38.39
CA GLU A 47 10.35 14.55 38.73
C GLU A 47 10.59 13.16 38.19
N THR A 48 9.61 12.25 38.36
CA THR A 48 9.76 10.90 37.84
C THR A 48 9.71 10.88 36.31
N LEU A 49 8.93 11.76 35.70
CA LEU A 49 8.96 11.83 34.25
C LEU A 49 10.35 12.23 33.78
N TRP A 50 10.93 13.25 34.42
CA TRP A 50 12.27 13.69 34.04
C TRP A 50 13.26 12.55 34.25
N GLN A 51 13.18 11.86 35.37
CA GLN A 51 14.07 10.73 35.59
C GLN A 51 13.90 9.68 34.50
N ALA A 52 12.64 9.40 34.11
CA ALA A 52 12.43 8.43 33.05
C ALA A 52 13.12 8.86 31.76
N GLU A 53 13.15 10.16 31.49
CA GLU A 53 13.76 10.59 30.23
C GLU A 53 15.28 10.53 30.30
N LYS A 54 15.88 10.69 31.49
CA LYS A 54 17.34 10.60 31.61
C LYS A 54 17.79 9.15 31.58
N GLY A 55 17.70 8.55 30.42
CA GLY A 55 18.15 7.18 30.26
C GLY A 55 17.56 6.16 31.22
N LEU A 56 16.77 6.59 32.20
CA LEU A 56 16.25 5.61 33.15
C LEU A 56 15.33 4.62 32.45
N VAL A 57 14.39 5.12 31.65
CA VAL A 57 13.57 4.28 30.80
C VAL A 57 13.86 4.51 29.30
N TRP A 58 14.24 5.72 28.90
CA TRP A 58 14.43 6.05 27.48
C TRP A 58 15.88 6.34 27.17
N ASN A 63 16.87 12.00 21.79
CA ASN A 63 15.56 11.66 21.22
C ASN A 63 15.20 12.58 20.06
N GLY A 64 14.41 12.04 19.14
CA GLY A 64 13.99 12.72 17.93
C GLY A 64 12.69 13.49 18.02
N LEU A 65 12.26 13.86 19.23
CA LEU A 65 11.00 14.56 19.38
C LEU A 65 11.14 16.00 18.90
N PRO A 66 10.02 16.69 18.72
CA PRO A 66 10.07 18.11 18.37
C PRO A 66 10.60 18.91 19.54
N PRO A 67 10.91 20.19 19.31
CA PRO A 67 11.47 21.03 20.38
C PRO A 67 10.57 21.08 21.60
N TYR A 68 11.17 20.91 22.78
CA TYR A 68 10.40 20.88 24.02
C TYR A 68 9.54 22.13 24.19
N LYS A 69 8.26 21.94 24.51
CA LYS A 69 7.36 23.03 24.89
C LYS A 69 7.07 23.12 26.38
N GLU A 70 6.66 22.03 27.03
CA GLU A 70 6.10 22.02 28.38
C GLU A 70 5.65 20.59 28.65
N ILE A 71 5.26 20.31 29.89
CA ILE A 71 5.06 18.92 30.31
C ILE A 71 3.89 18.29 29.58
N SER A 72 2.74 18.96 29.58
CA SER A 72 1.56 18.41 28.94
C SER A 72 1.80 18.14 27.45
N VAL A 73 2.51 19.05 26.77
CA VAL A 73 2.80 18.85 25.36
C VAL A 73 3.84 17.75 25.19
N HIS A 74 4.81 17.66 26.09
CA HIS A 74 5.80 16.59 26.00
C HIS A 74 5.12 15.21 26.01
N VAL A 75 4.21 15.00 26.96
CA VAL A 75 3.46 13.74 27.02
C VAL A 75 2.66 13.54 25.75
N PHE A 76 2.02 14.61 25.26
CA PHE A 76 1.32 14.54 23.97
C PHE A 76 2.23 14.04 22.85
N TYR A 77 3.48 14.52 22.79
CA TYR A 77 4.41 14.06 21.76
C TYR A 77 4.74 12.59 21.94
N ARG A 78 4.95 12.14 23.19
CA ARG A 78 5.25 10.73 23.40
C ARG A 78 4.05 9.84 23.01
N CYS A 79 2.83 10.31 23.24
CA CYS A 79 1.67 9.59 22.75
C CYS A 79 1.71 9.48 21.24
N GLN A 80 2.10 10.55 20.55
CA GLN A 80 2.19 10.50 19.10
C GLN A 80 3.23 9.49 18.65
N CYS A 81 4.39 9.46 19.33
CA CYS A 81 5.45 8.52 18.95
C CYS A 81 4.99 7.08 19.13
N THR A 82 4.40 6.80 20.28
CA THR A 82 3.84 5.47 20.53
C THR A 82 2.83 5.09 19.47
N THR A 83 1.95 6.02 19.09
CA THR A 83 0.91 5.74 18.11
C THR A 83 1.54 5.37 16.77
N VAL A 84 2.54 6.16 16.33
CA VAL A 84 3.23 5.90 15.07
C VAL A 84 3.88 4.51 15.06
N GLU A 85 4.52 4.13 16.16
N GLU A 85 4.48 4.10 16.17
CA GLU A 85 5.09 2.79 16.28
CA GLU A 85 5.08 2.78 16.23
C GLU A 85 3.99 1.72 16.15
C GLU A 85 4.03 1.67 16.24
N THR A 86 2.88 1.89 16.88
CA THR A 86 1.82 0.89 16.82
C THR A 86 1.20 0.82 15.43
N VAL A 87 1.12 1.95 14.72
CA VAL A 87 0.63 1.91 13.35
C VAL A 87 1.55 1.09 12.47
N ARG A 88 2.86 1.26 12.65
CA ARG A 88 3.84 0.44 11.93
C ARG A 88 3.62 -1.05 12.19
N GLU A 89 3.41 -1.44 13.46
CA GLU A 89 3.19 -2.85 13.74
C GLU A 89 1.88 -3.34 13.11
N LEU A 90 0.82 -2.54 13.17
CA LEU A 90 -0.46 -2.95 12.61
C LEU A 90 -0.39 -3.15 11.10
N THR A 91 0.43 -2.34 10.42
CA THR A 91 0.60 -2.49 8.99
C THR A 91 1.32 -3.80 8.67
N GLU A 92 2.36 -4.13 9.44
CA GLU A 92 3.02 -5.40 9.20
C GLU A 92 2.11 -6.57 9.55
N PHE A 93 1.34 -6.44 10.64
CA PHE A 93 0.35 -7.47 10.97
C PHE A 93 -0.63 -7.66 9.81
N ALA A 94 -1.19 -6.58 9.29
CA ALA A 94 -2.16 -6.71 8.22
C ALA A 94 -1.53 -7.31 6.97
N LYS A 95 -0.32 -6.86 6.61
CA LYS A 95 0.36 -7.41 5.45
C LYS A 95 0.72 -8.88 5.63
N SER A 96 0.89 -9.32 6.87
CA SER A 96 1.13 -10.74 7.12
C SER A 96 -0.13 -11.56 6.99
N ILE A 97 -1.24 -10.95 6.58
CA ILE A 97 -2.48 -11.68 6.32
C ILE A 97 -2.67 -11.77 4.81
N PRO A 98 -2.55 -12.95 4.19
CA PRO A 98 -2.63 -13.05 2.71
C PRO A 98 -3.85 -12.37 2.10
N SER A 99 -5.04 -12.55 2.66
CA SER A 99 -6.22 -11.92 2.07
C SER A 99 -6.12 -10.39 2.09
N PHE A 100 -5.37 -9.81 3.02
CA PHE A 100 -5.20 -8.36 3.01
C PHE A 100 -4.26 -7.92 1.90
N SER A 101 -3.15 -8.66 1.70
CA SER A 101 -2.15 -8.24 0.74
C SER A 101 -2.60 -8.37 -0.71
N SER A 102 -3.69 -9.08 -0.97
CA SER A 102 -4.19 -9.22 -2.33
C SER A 102 -5.20 -8.16 -2.69
N LEU A 103 -5.55 -7.27 -1.77
CA LEU A 103 -6.51 -6.22 -2.10
C LEU A 103 -5.83 -5.11 -2.86
N PHE A 104 -6.65 -4.30 -3.56
CA PHE A 104 -6.17 -3.03 -4.10
C PHE A 104 -5.26 -2.35 -3.08
N LEU A 105 -4.04 -2.02 -3.50
CA LEU A 105 -3.15 -1.32 -2.58
C LEU A 105 -3.81 -0.06 -2.00
N ASN A 106 -4.66 0.61 -2.77
CA ASN A 106 -5.32 1.78 -2.21
C ASN A 106 -6.41 1.38 -1.22
N ASP A 107 -6.98 0.16 -1.37
CA ASP A 107 -7.91 -0.34 -0.38
C ASP A 107 -7.18 -0.74 0.91
N GLN A 108 -5.97 -1.28 0.80
CA GLN A 108 -5.14 -1.51 1.98
C GLN A 108 -4.97 -0.22 2.79
N VAL A 109 -4.64 0.88 2.12
CA VAL A 109 -4.43 2.15 2.81
C VAL A 109 -5.74 2.65 3.41
N THR A 110 -6.85 2.44 2.72
CA THR A 110 -8.15 2.88 3.25
C THR A 110 -8.50 2.13 4.53
N LEU A 111 -8.30 0.80 4.54
CA LEU A 111 -8.58 0.00 5.73
C LEU A 111 -7.70 0.42 6.92
N LEU A 112 -6.41 0.61 6.68
CA LEU A 112 -5.53 1.09 7.75
C LEU A 112 -5.98 2.48 8.20
N LYS A 113 -6.25 3.36 7.24
CA LYS A 113 -6.60 4.73 7.56
C LYS A 113 -7.76 4.78 8.56
N TYR A 114 -8.82 3.99 8.32
CA TYR A 114 -10.00 4.06 9.17
C TYR A 114 -10.02 3.01 10.27
N GLY A 115 -9.08 2.06 10.25
CA GLY A 115 -9.01 1.00 11.25
C GLY A 115 -7.97 1.12 12.35
N VAL A 116 -6.85 1.84 12.16
CA VAL A 116 -5.73 1.67 13.09
C VAL A 116 -6.10 2.20 14.47
N HIS A 117 -6.82 3.32 14.54
CA HIS A 117 -7.14 3.88 15.85
C HIS A 117 -8.09 2.98 16.63
N GLU A 118 -9.09 2.39 15.94
CA GLU A 118 -9.92 1.39 16.61
C GLU A 118 -9.06 0.25 17.13
N ALA A 119 -8.14 -0.26 16.32
CA ALA A 119 -7.28 -1.35 16.78
C ALA A 119 -6.37 -0.91 17.92
N ILE A 120 -5.85 0.32 17.83
CA ILE A 120 -4.95 0.82 18.87
C ILE A 120 -5.63 0.82 20.23
N PHE A 121 -6.83 1.39 20.31
CA PHE A 121 -7.54 1.45 21.57
C PHE A 121 -7.96 0.07 22.08
N ALA A 122 -8.25 -0.86 21.16
CA ALA A 122 -8.48 -2.25 21.60
C ALA A 122 -7.21 -2.82 22.24
N MET A 123 -6.08 -2.65 21.58
CA MET A 123 -4.86 -3.22 22.10
C MET A 123 -4.38 -2.46 23.32
N LEU A 124 -4.71 -1.17 23.40
CA LEU A 124 -4.36 -0.38 24.57
C LEU A 124 -4.79 -1.09 25.84
N ALA A 125 -5.99 -1.70 25.81
CA ALA A 125 -6.53 -2.31 27.02
C ALA A 125 -5.57 -3.34 27.60
N SER A 126 -4.78 -4.00 26.74
CA SER A 126 -3.84 -5.02 27.19
C SER A 126 -2.75 -4.48 28.12
N ILE A 127 -2.36 -3.21 27.99
CA ILE A 127 -1.28 -2.65 28.82
C ILE A 127 -1.82 -1.71 29.89
N VAL A 128 -3.13 -1.75 30.15
CA VAL A 128 -3.81 -0.81 31.04
C VAL A 128 -4.40 -1.58 32.21
N ASN A 129 -4.28 -1.00 33.41
CA ASN A 129 -5.21 -1.36 34.48
C ASN A 129 -5.81 -0.09 35.04
N LYS A 130 -6.59 -0.19 36.11
CA LYS A 130 -7.31 0.96 36.57
C LYS A 130 -6.40 2.07 37.09
N ASP A 131 -5.13 1.78 37.32
CA ASP A 131 -4.23 2.77 37.91
C ASP A 131 -3.25 3.39 36.94
N GLY A 132 -3.14 2.88 35.72
CA GLY A 132 -2.23 3.49 34.78
C GLY A 132 -1.92 2.55 33.63
N LEU A 133 -0.83 2.86 32.94
CA LEU A 133 -0.55 2.25 31.67
C LEU A 133 0.95 2.02 31.51
N LEU A 134 1.32 0.89 30.90
CA LEU A 134 2.72 0.61 30.58
C LEU A 134 3.17 1.47 29.41
N VAL A 135 4.43 1.91 29.47
CA VAL A 135 5.05 2.70 28.41
C VAL A 135 6.47 2.19 28.21
N ALA A 136 7.11 2.64 27.14
CA ALA A 136 8.48 2.25 26.84
C ALA A 136 8.63 0.73 26.84
N ASN A 137 7.80 0.09 26.03
CA ASN A 137 7.82 -1.36 25.86
C ASN A 137 7.89 -2.08 27.21
N GLY A 138 7.08 -1.63 28.15
CA GLY A 138 6.93 -2.24 29.46
C GLY A 138 7.89 -1.77 30.54
N SER A 139 8.89 -0.95 30.21
CA SER A 139 9.85 -0.59 31.24
C SER A 139 9.37 0.54 32.16
N GLY A 140 8.28 1.23 31.78
CA GLY A 140 7.70 2.24 32.64
C GLY A 140 6.21 2.02 32.80
N PHE A 141 5.67 2.67 33.82
CA PHE A 141 4.24 2.65 34.12
C PHE A 141 3.83 4.08 34.44
N VAL A 142 3.02 4.70 33.58
CA VAL A 142 2.56 6.06 33.81
C VAL A 142 1.20 5.99 34.49
N THR A 143 1.03 6.74 35.57
CA THR A 143 -0.17 6.62 36.37
C THR A 143 -1.34 7.41 35.79
N ARG A 144 -2.53 6.85 35.99
CA ARG A 144 -3.76 7.49 35.56
C ARG A 144 -3.95 8.83 36.26
N GLU A 145 -3.53 8.91 37.53
CA GLU A 145 -3.60 10.15 38.28
C GLU A 145 -2.75 11.23 37.64
N PHE A 146 -1.50 10.89 37.33
CA PHE A 146 -0.63 11.83 36.63
C PHE A 146 -1.27 12.33 35.35
N LEU A 147 -1.82 11.42 34.53
CA LEU A 147 -2.42 11.87 33.27
C LEU A 147 -3.61 12.76 33.55
N ARG A 148 -4.37 12.47 34.61
CA ARG A 148 -5.48 13.35 34.99
C ARG A 148 -4.97 14.75 35.33
N SER A 149 -3.75 14.86 35.83
CA SER A 149 -3.26 16.15 36.32
C SER A 149 -2.68 17.03 35.23
N LEU A 150 -2.62 16.56 33.99
CA LEU A 150 -2.04 17.39 32.94
C LEU A 150 -2.95 18.58 32.65
N ARG A 151 -2.41 19.53 31.89
CA ARG A 151 -3.16 20.71 31.52
C ARG A 151 -4.24 20.34 30.52
N LYS A 152 -5.44 20.90 30.71
CA LYS A 152 -6.45 20.76 29.69
C LYS A 152 -5.95 21.43 28.41
N PRO A 153 -6.25 20.87 27.24
CA PRO A 153 -7.10 19.71 27.00
C PRO A 153 -6.38 18.38 27.08
N PHE A 154 -5.07 18.38 27.32
CA PHE A 154 -4.36 17.12 27.20
C PHE A 154 -4.81 16.11 28.25
N SER A 155 -5.25 16.56 29.42
CA SER A 155 -5.69 15.65 30.47
C SER A 155 -7.04 15.00 30.18
N ASP A 156 -7.75 15.43 29.15
CA ASP A 156 -9.02 14.80 28.75
C ASP A 156 -8.87 13.71 27.71
N ILE A 157 -7.70 13.61 27.07
CA ILE A 157 -7.51 12.67 25.96
C ILE A 157 -7.62 11.24 26.46
N ILE A 158 -6.85 10.90 27.49
CA ILE A 158 -6.63 9.49 27.78
C ILE A 158 -7.64 8.92 28.77
N GLU A 159 -8.21 9.73 29.66
CA GLU A 159 -9.15 9.20 30.65
C GLU A 159 -10.25 8.31 30.05
N PRO A 160 -10.90 8.66 28.93
CA PRO A 160 -11.91 7.76 28.33
C PRO A 160 -11.37 6.41 27.90
N LYS A 161 -10.09 6.31 27.51
CA LYS A 161 -9.54 5.01 27.15
C LYS A 161 -9.48 4.09 28.36
N PHE A 162 -9.17 4.63 29.54
CA PHE A 162 -9.20 3.85 30.77
C PHE A 162 -10.60 3.28 31.03
N GLU A 163 -11.63 4.10 30.90
CA GLU A 163 -12.97 3.58 31.13
C GLU A 163 -13.27 2.42 30.19
N PHE A 164 -12.94 2.56 28.91
CA PHE A 164 -13.17 1.49 27.94
C PHE A 164 -12.33 0.26 28.27
N ALA A 165 -11.06 0.47 28.66
CA ALA A 165 -10.12 -0.64 28.86
C ALA A 165 -10.51 -1.51 30.03
N VAL A 166 -10.98 -0.91 31.12
CA VAL A 166 -11.34 -1.72 32.28
C VAL A 166 -12.55 -2.60 31.97
N LYS A 167 -13.56 -2.06 31.30
CA LYS A 167 -14.70 -2.88 30.87
C LYS A 167 -14.27 -3.96 29.89
N PHE A 168 -13.38 -3.61 28.95
CA PHE A 168 -12.94 -4.55 27.94
C PHE A 168 -12.13 -5.68 28.55
N ASN A 169 -11.29 -5.35 29.54
CA ASN A 169 -10.46 -6.34 30.20
C ASN A 169 -11.27 -7.31 31.04
N ALA A 170 -12.47 -6.92 31.47
CA ALA A 170 -13.36 -7.84 32.17
C ALA A 170 -13.72 -9.04 31.31
N LEU A 171 -13.73 -8.89 29.98
CA LEU A 171 -14.02 -10.03 29.10
C LEU A 171 -12.90 -11.07 29.09
N GLU A 172 -11.71 -10.73 29.60
CA GLU A 172 -10.61 -11.67 29.80
C GLU A 172 -10.20 -12.37 28.50
N LEU A 173 -10.20 -11.63 27.40
CA LEU A 173 -9.64 -12.16 26.15
C LEU A 173 -8.15 -12.48 26.32
N ASP A 174 -7.67 -13.46 25.57
CA ASP A 174 -6.25 -13.70 25.45
C ASP A 174 -5.77 -13.30 24.06
N ASP A 175 -4.46 -13.48 23.83
CA ASP A 175 -3.83 -13.00 22.60
C ASP A 175 -4.40 -13.69 21.36
N SER A 176 -4.77 -14.98 21.47
CA SER A 176 -5.34 -15.67 20.32
C SER A 176 -6.70 -15.09 19.96
N ASP A 177 -7.50 -14.73 20.99
CA ASP A 177 -8.75 -14.00 20.74
C ASP A 177 -8.48 -12.64 20.10
N LEU A 178 -7.51 -11.90 20.66
CA LEU A 178 -7.21 -10.55 20.19
C LEU A 178 -6.72 -10.55 18.76
N ALA A 179 -5.93 -11.55 18.37
CA ALA A 179 -5.46 -11.58 16.99
C ALA A 179 -6.64 -11.51 16.02
N LEU A 180 -7.68 -12.31 16.28
CA LEU A 180 -8.84 -12.33 15.38
C LEU A 180 -9.69 -11.07 15.51
N PHE A 181 -9.81 -10.54 16.73
CA PHE A 181 -10.59 -9.33 16.97
C PHE A 181 -9.98 -8.15 16.20
N ILE A 182 -8.65 -7.97 16.29
CA ILE A 182 -7.97 -6.89 15.57
C ILE A 182 -8.09 -7.12 14.07
N ALA A 183 -7.86 -8.35 13.62
CA ALA A 183 -8.01 -8.62 12.19
C ALA A 183 -9.39 -8.19 11.70
N ALA A 184 -10.43 -8.42 12.50
CA ALA A 184 -11.78 -8.05 12.10
C ALA A 184 -11.96 -6.53 12.05
N ILE A 185 -11.32 -5.83 12.99
CA ILE A 185 -11.34 -4.37 12.95
C ILE A 185 -10.71 -3.87 11.66
N ILE A 186 -9.59 -4.44 11.24
CA ILE A 186 -8.91 -3.89 10.06
C ILE A 186 -9.67 -4.24 8.79
N LEU A 187 -10.13 -5.50 8.67
CA LEU A 187 -10.78 -5.98 7.43
C LEU A 187 -12.27 -5.71 7.51
N CYS A 188 -12.63 -4.46 7.32
CA CYS A 188 -13.97 -3.96 7.63
C CYS A 188 -14.58 -3.35 6.38
N GLY A 189 -15.74 -3.84 5.98
CA GLY A 189 -16.34 -3.35 4.74
C GLY A 189 -17.06 -2.02 4.85
N ASP A 190 -17.36 -1.56 6.07
CA ASP A 190 -18.05 -0.30 6.28
C ASP A 190 -17.17 0.92 6.02
N ARG A 191 -15.91 0.76 5.57
CA ARG A 191 -15.01 1.92 5.50
C ARG A 191 -15.24 2.73 4.23
N PRO A 192 -15.28 4.05 4.35
CA PRO A 192 -15.56 4.91 3.19
C PRO A 192 -14.50 4.79 2.11
N GLY A 193 -14.95 4.81 0.86
CA GLY A 193 -14.03 4.87 -0.26
C GLY A 193 -13.36 3.57 -0.60
N LEU A 194 -13.82 2.46 -0.05
CA LEU A 194 -13.32 1.17 -0.49
C LEU A 194 -13.65 0.99 -1.95
N MET A 195 -12.72 0.39 -2.69
CA MET A 195 -12.97 0.15 -4.10
C MET A 195 -13.72 -1.15 -4.33
N ASN A 196 -13.36 -2.22 -3.63
CA ASN A 196 -14.03 -3.52 -3.76
C ASN A 196 -14.69 -3.89 -2.44
N VAL A 197 -15.91 -3.42 -2.21
CA VAL A 197 -16.55 -3.61 -0.91
C VAL A 197 -16.88 -5.08 -0.71
N PRO A 198 -17.46 -5.76 -1.70
CA PRO A 198 -17.78 -7.18 -1.51
C PRO A 198 -16.58 -8.05 -1.20
N ARG A 199 -15.42 -7.74 -1.76
CA ARG A 199 -14.23 -8.53 -1.46
C ARG A 199 -13.82 -8.36 0.01
N VAL A 200 -13.89 -7.13 0.53
CA VAL A 200 -13.57 -6.92 1.94
C VAL A 200 -14.65 -7.53 2.82
N GLU A 201 -15.91 -7.39 2.42
CA GLU A 201 -16.99 -7.90 3.25
C GLU A 201 -16.88 -9.41 3.43
N ALA A 202 -16.44 -10.12 2.40
CA ALA A 202 -16.31 -11.57 2.49
C ALA A 202 -15.19 -11.98 3.44
N ILE A 203 -14.08 -11.25 3.41
CA ILE A 203 -12.99 -11.49 4.36
C ILE A 203 -13.45 -11.22 5.79
N GLN A 204 -14.12 -10.07 6.00
CA GLN A 204 -14.63 -9.74 7.33
C GLN A 204 -15.47 -10.89 7.87
N ASP A 205 -16.40 -11.40 7.03
CA ASP A 205 -17.30 -12.45 7.48
C ASP A 205 -16.54 -13.74 7.79
N THR A 206 -15.53 -14.06 6.97
CA THR A 206 -14.68 -15.20 7.29
C THR A 206 -14.01 -15.03 8.64
N ILE A 207 -13.51 -13.82 8.93
CA ILE A 207 -12.81 -13.60 10.20
C ILE A 207 -13.79 -13.72 11.36
N LEU A 208 -14.96 -13.08 11.25
CA LEU A 208 -15.96 -13.17 12.32
C LEU A 208 -16.42 -14.61 12.57
N ARG A 209 -16.60 -15.40 11.51
CA ARG A 209 -16.96 -16.80 11.68
C ARG A 209 -15.83 -17.58 12.38
N ALA A 210 -14.59 -17.39 11.92
CA ALA A 210 -13.43 -17.93 12.64
C ALA A 210 -13.42 -17.51 14.11
N LEU A 211 -13.67 -16.23 14.38
CA LEU A 211 -13.67 -15.74 15.74
C LEU A 211 -14.73 -16.43 16.57
N GLU A 212 -15.92 -16.63 15.99
CA GLU A 212 -16.99 -17.27 16.73
C GLU A 212 -16.60 -18.70 17.09
N PHE A 213 -16.05 -19.42 16.13
CA PHE A 213 -15.57 -20.77 16.43
C PHE A 213 -14.43 -20.74 17.44
N HIS A 214 -13.48 -19.81 17.29
CA HIS A 214 -12.35 -19.77 18.23
C HIS A 214 -12.84 -19.59 19.66
N LEU A 215 -13.84 -18.72 19.86
CA LEU A 215 -14.34 -18.44 21.21
C LEU A 215 -15.07 -19.64 21.82
N GLN A 216 -15.82 -20.40 21.00
CA GLN A 216 -16.44 -21.63 21.50
C GLN A 216 -15.41 -22.58 22.08
N ALA A 217 -14.30 -22.76 21.36
CA ALA A 217 -13.24 -23.62 21.83
C ALA A 217 -12.52 -23.00 23.03
N ASN A 218 -12.10 -21.73 22.89
CA ASN A 218 -11.25 -21.10 23.90
C ASN A 218 -12.00 -20.74 25.18
N HIS A 219 -13.18 -20.14 25.07
CA HIS A 219 -13.99 -19.81 26.25
C HIS A 219 -15.33 -20.57 26.28
N PRO A 220 -15.34 -21.85 26.65
CA PRO A 220 -16.57 -22.62 26.46
C PRO A 220 -17.62 -22.31 27.51
N ASP A 221 -17.23 -21.68 28.62
CA ASP A 221 -18.17 -21.32 29.68
C ASP A 221 -18.61 -19.86 29.63
N ALA A 222 -18.04 -19.04 28.75
CA ALA A 222 -18.44 -17.64 28.65
C ALA A 222 -19.73 -17.53 27.84
N GLN A 223 -20.76 -16.94 28.46
CA GLN A 223 -22.05 -16.77 27.79
C GLN A 223 -22.11 -15.43 27.07
N TYR A 224 -22.49 -15.47 25.79
CA TYR A 224 -22.74 -14.28 24.99
C TYR A 224 -21.46 -13.52 24.64
N LEU A 225 -20.30 -14.18 24.70
CA LEU A 225 -19.05 -13.47 24.48
C LEU A 225 -18.97 -12.91 23.06
N PHE A 226 -19.43 -13.68 22.07
CA PHE A 226 -19.31 -13.20 20.70
C PHE A 226 -20.15 -11.94 20.47
N PRO A 227 -21.44 -11.92 20.75
CA PRO A 227 -22.18 -10.66 20.57
C PRO A 227 -21.66 -9.52 21.43
N LYS A 228 -21.13 -9.81 22.62
CA LYS A 228 -20.48 -8.77 23.40
C LYS A 228 -19.33 -8.14 22.63
N LEU A 229 -18.50 -8.97 21.97
CA LEU A 229 -17.37 -8.41 21.25
C LEU A 229 -17.81 -7.58 20.05
N LEU A 230 -18.89 -7.97 19.38
CA LEU A 230 -19.42 -7.14 18.29
C LEU A 230 -19.82 -5.76 18.81
N GLN A 231 -20.46 -5.73 19.97
CA GLN A 231 -20.82 -4.47 20.60
C GLN A 231 -19.57 -3.66 20.94
N LYS A 232 -18.50 -4.32 21.40
CA LYS A 232 -17.25 -3.60 21.67
C LYS A 232 -16.71 -2.96 20.39
N MET A 233 -16.87 -3.64 19.25
CA MET A 233 -16.45 -3.04 17.98
C MET A 233 -17.25 -1.77 17.71
N ALA A 234 -18.56 -1.79 18.03
CA ALA A 234 -19.33 -0.57 17.87
C ALA A 234 -18.86 0.50 18.84
N ASP A 235 -18.61 0.11 20.10
CA ASP A 235 -18.12 1.06 21.09
C ASP A 235 -16.80 1.68 20.65
N LEU A 236 -15.93 0.90 20.02
CA LEU A 236 -14.64 1.43 19.60
C LEU A 236 -14.80 2.50 18.53
N ARG A 237 -15.82 2.39 17.66
CA ARG A 237 -16.02 3.42 16.66
C ARG A 237 -16.42 4.75 17.30
N GLN A 238 -17.27 4.69 18.33
CA GLN A 238 -17.65 5.89 19.03
C GLN A 238 -16.45 6.48 19.78
N LEU A 239 -15.65 5.62 20.41
CA LEU A 239 -14.47 6.06 21.13
C LEU A 239 -13.53 6.83 20.21
N VAL A 240 -13.36 6.33 18.99
CA VAL A 240 -12.48 6.97 18.02
C VAL A 240 -13.08 8.28 17.51
N THR A 241 -14.39 8.28 17.26
CA THR A 241 -15.05 9.52 16.87
C THR A 241 -14.80 10.62 17.91
N GLU A 242 -14.96 10.29 19.20
CA GLU A 242 -14.72 11.27 20.25
C GLU A 242 -13.24 11.66 20.33
N HIS A 243 -12.34 10.70 20.15
CA HIS A 243 -10.92 11.00 20.12
C HIS A 243 -10.58 11.96 18.99
N ALA A 244 -11.12 11.72 17.80
CA ALA A 244 -10.87 12.59 16.67
C ALA A 244 -11.38 14.01 16.92
N GLN A 245 -12.52 14.16 17.61
CA GLN A 245 -13.01 15.49 17.92
C GLN A 245 -12.05 16.22 18.86
N MET A 246 -11.53 15.52 19.87
CA MET A 246 -10.51 16.10 20.74
C MET A 246 -9.23 16.46 19.99
N MET A 247 -8.80 15.62 19.05
CA MET A 247 -7.61 15.96 18.28
C MET A 247 -7.86 17.22 17.45
N GLN A 248 -9.04 17.31 16.84
CA GLN A 248 -9.41 18.51 16.09
C GLN A 248 -9.29 19.77 16.96
N ARG A 249 -9.80 19.70 18.19
CA ARG A 249 -9.75 20.83 19.10
C ARG A 249 -8.30 21.21 19.45
N ILE A 250 -7.43 20.21 19.62
CA ILE A 250 -6.02 20.48 19.90
C ILE A 250 -5.36 21.16 18.71
N LYS A 251 -5.66 20.71 17.50
CA LYS A 251 -5.13 21.33 16.30
C LYS A 251 -5.62 22.76 16.14
N LYS A 252 -6.85 23.05 16.60
CA LYS A 252 -7.41 24.39 16.47
C LYS A 252 -6.83 25.35 17.52
N THR A 253 -6.81 24.92 18.78
CA THR A 253 -6.49 25.75 19.91
C THR A 253 -5.04 25.65 20.38
N GLU A 254 -4.31 24.58 20.10
CA GLU A 254 -2.93 24.45 20.56
C GLU A 254 -1.97 24.61 19.38
N THR A 255 -1.74 25.85 18.96
CA THR A 255 -1.07 26.01 17.67
C THR A 255 0.44 25.95 17.78
N GLU A 256 0.98 25.89 18.99
CA GLU A 256 2.41 25.61 19.15
C GLU A 256 2.72 24.13 19.10
N THR A 257 1.71 23.28 19.10
CA THR A 257 1.87 21.84 19.26
C THR A 257 2.05 21.20 17.89
N SER A 258 3.15 20.48 17.72
CA SER A 258 3.46 19.81 16.48
C SER A 258 2.63 18.53 16.32
N LEU A 259 2.32 18.16 15.07
CA LEU A 259 1.45 17.02 14.76
C LEU A 259 2.15 16.13 13.74
N HIS A 260 2.43 14.89 14.10
CA HIS A 260 3.21 14.03 13.24
C HIS A 260 2.55 13.90 11.86
N PRO A 261 3.31 14.01 10.76
CA PRO A 261 2.69 14.00 9.44
C PRO A 261 1.91 12.73 9.10
N LEU A 262 2.39 11.54 9.48
CA LEU A 262 1.62 10.32 9.24
C LEU A 262 0.25 10.38 9.90
N LEU A 263 0.21 10.81 11.17
CA LEU A 263 -1.04 10.93 11.90
C LEU A 263 -1.94 12.02 11.34
N GLN A 264 -1.37 13.11 10.85
CA GLN A 264 -2.22 14.14 10.27
C GLN A 264 -2.86 13.62 9.00
N GLU A 265 -2.13 12.81 8.22
CA GLU A 265 -2.71 12.22 7.03
C GLU A 265 -3.87 11.28 7.38
N ILE A 266 -3.69 10.46 8.42
CA ILE A 266 -4.75 9.53 8.80
C ILE A 266 -6.04 10.26 9.12
N TYR A 267 -5.94 11.42 9.77
CA TYR A 267 -7.15 12.12 10.19
C TYR A 267 -7.74 12.96 9.06
N LYS A 268 -6.97 13.22 8.00
CA LYS A 268 -7.44 14.08 6.92
C LYS A 268 -8.71 13.52 6.30
N ASP A 269 -9.82 14.23 6.46
CA ASP A 269 -11.12 13.84 5.89
C ASP A 269 -11.64 12.55 6.55
N MET A 270 -12.14 12.70 7.78
CA MET A 270 -12.77 11.57 8.47
C MET A 270 -14.18 11.95 8.92
N GLN B 1 28.70 5.38 -0.90
CA GLN B 1 28.04 5.66 0.37
C GLN B 1 26.91 4.67 0.65
N VAL B 2 25.65 5.13 0.62
CA VAL B 2 24.55 4.30 1.08
C VAL B 2 24.35 3.06 0.23
N ALA B 3 24.77 3.05 -1.03
CA ALA B 3 24.54 1.92 -1.91
C ALA B 3 25.83 1.47 -2.61
N ASP B 4 26.11 0.17 -2.56
CA ASP B 4 26.98 -0.48 -3.54
C ASP B 4 26.22 -0.55 -4.87
N LEU B 5 26.66 0.22 -5.87
CA LEU B 5 25.79 0.42 -7.03
C LEU B 5 25.70 -0.80 -7.95
N LYS B 6 26.76 -1.59 -8.06
CA LYS B 6 26.70 -2.79 -8.87
C LYS B 6 25.71 -3.78 -8.28
N ALA B 7 25.82 -4.03 -6.97
CA ALA B 7 24.84 -4.88 -6.31
C ALA B 7 23.44 -4.30 -6.45
N PHE B 8 23.31 -2.99 -6.24
CA PHE B 8 22.01 -2.33 -6.31
C PHE B 8 21.35 -2.55 -7.67
N SER B 9 22.10 -2.30 -8.75
CA SER B 9 21.52 -2.48 -10.09
C SER B 9 21.10 -3.93 -10.31
N LYS B 10 22.00 -4.87 -10.01
CA LYS B 10 21.70 -6.28 -10.26
C LYS B 10 20.48 -6.74 -9.46
N HIS B 11 20.31 -6.23 -8.24
CA HIS B 11 19.10 -6.57 -7.49
C HIS B 11 17.85 -6.09 -8.22
N ILE B 12 17.88 -4.87 -8.76
CA ILE B 12 16.72 -4.36 -9.48
C ILE B 12 16.51 -5.13 -10.79
N TYR B 13 17.60 -5.55 -11.42
CA TYR B 13 17.50 -6.37 -12.61
C TYR B 13 16.79 -7.69 -12.32
N ASN B 14 17.10 -8.28 -11.17
CA ASN B 14 16.46 -9.54 -10.80
C ASN B 14 15.00 -9.33 -10.43
N ALA B 15 14.68 -8.21 -9.78
CA ALA B 15 13.28 -7.91 -9.49
C ALA B 15 12.47 -7.78 -10.77
N TYR B 16 13.08 -7.18 -11.80
CA TYR B 16 12.46 -7.05 -13.12
C TYR B 16 12.27 -8.43 -13.76
N LEU B 17 13.35 -9.21 -13.86
CA LEU B 17 13.22 -10.54 -14.45
C LEU B 17 12.19 -11.38 -13.72
N LYS B 18 12.06 -11.18 -12.42
CA LYS B 18 11.16 -11.98 -11.60
C LYS B 18 9.69 -11.58 -11.76
N ASN B 19 9.39 -10.36 -12.20
CA ASN B 19 8.03 -9.87 -12.11
C ASN B 19 7.35 -9.54 -13.44
N PHE B 20 8.09 -9.39 -14.54
CA PHE B 20 7.50 -9.05 -15.83
C PHE B 20 7.53 -10.29 -16.72
N ASN B 21 6.36 -10.70 -17.21
CA ASN B 21 6.31 -11.90 -18.04
C ASN B 21 7.02 -11.70 -19.38
N MET B 22 6.81 -10.55 -20.00
CA MET B 22 7.35 -10.25 -21.31
C MET B 22 8.55 -9.33 -21.14
N THR B 23 9.74 -9.86 -21.41
CA THR B 23 10.93 -9.03 -21.47
C THR B 23 11.17 -8.58 -22.89
N LYS B 24 12.03 -7.57 -23.03
CA LYS B 24 12.41 -7.15 -24.37
C LYS B 24 13.16 -8.24 -25.09
N LYS B 25 13.97 -9.02 -24.36
CA LYS B 25 14.62 -10.19 -24.94
C LYS B 25 13.60 -11.18 -25.53
N LYS B 26 12.65 -11.62 -24.70
CA LYS B 26 11.60 -12.48 -25.21
C LYS B 26 10.87 -11.80 -26.37
N ALA B 27 10.50 -10.52 -26.18
CA ALA B 27 9.72 -9.81 -27.19
C ALA B 27 10.43 -9.78 -28.54
N ARG B 28 11.74 -9.49 -28.55
CA ARG B 28 12.42 -9.34 -29.83
C ARG B 28 12.68 -10.67 -30.50
N SER B 29 12.85 -11.73 -29.72
CA SER B 29 12.98 -13.05 -30.32
C SER B 29 11.68 -13.47 -31.01
N ILE B 30 10.52 -13.13 -30.43
CA ILE B 30 9.26 -13.41 -31.12
C ILE B 30 9.15 -12.56 -32.37
N LEU B 31 9.42 -11.26 -32.24
CA LEU B 31 9.25 -10.35 -33.38
C LEU B 31 10.29 -10.59 -34.47
N THR B 32 11.36 -11.33 -34.20
CA THR B 32 12.34 -11.64 -35.23
C THR B 32 12.30 -13.11 -35.65
N GLY B 33 11.23 -13.83 -35.33
CA GLY B 33 11.07 -15.18 -35.85
C GLY B 33 12.04 -16.23 -35.38
N LYS B 34 12.36 -16.25 -34.08
CA LYS B 34 13.29 -17.23 -33.53
C LYS B 34 12.55 -18.52 -33.21
N ALA B 35 13.12 -19.65 -33.63
CA ALA B 35 12.41 -20.93 -33.57
C ALA B 35 11.93 -21.27 -32.16
N SER B 36 12.70 -20.91 -31.14
CA SER B 36 12.39 -21.35 -29.78
C SER B 36 10.97 -21.02 -29.32
N HIS B 37 10.23 -20.25 -30.12
CA HIS B 37 8.84 -19.94 -29.78
C HIS B 37 8.06 -19.61 -31.05
N THR B 38 6.78 -20.00 -31.06
CA THR B 38 5.88 -19.91 -32.21
C THR B 38 5.51 -18.48 -32.58
N ALA B 39 5.23 -18.27 -33.87
CA ALA B 39 4.91 -16.95 -34.37
C ALA B 39 3.56 -16.47 -33.86
N PRO B 40 3.40 -15.16 -33.68
CA PRO B 40 2.12 -14.62 -33.22
C PRO B 40 1.06 -14.63 -34.33
N PHE B 41 -0.18 -14.92 -33.91
CA PHE B 41 -1.33 -14.80 -34.79
C PHE B 41 -1.56 -13.32 -35.09
N VAL B 42 -1.61 -12.95 -36.37
CA VAL B 42 -1.77 -11.56 -36.73
C VAL B 42 -3.25 -11.19 -36.72
N ILE B 43 -3.59 -10.18 -35.93
CA ILE B 43 -4.92 -9.58 -35.87
C ILE B 43 -4.86 -8.29 -36.69
N HIS B 44 -5.56 -8.26 -37.82
CA HIS B 44 -5.58 -7.09 -38.68
C HIS B 44 -6.97 -6.68 -39.15
N ASP B 45 -8.02 -7.39 -38.75
CA ASP B 45 -9.39 -7.04 -39.14
C ASP B 45 -10.38 -7.77 -38.25
N ILE B 46 -11.67 -7.56 -38.51
CA ILE B 46 -12.71 -8.15 -37.65
C ILE B 46 -12.58 -9.67 -37.62
N GLU B 47 -12.38 -10.27 -38.78
CA GLU B 47 -12.34 -11.73 -38.84
C GLU B 47 -11.19 -12.28 -38.02
N THR B 48 -9.99 -11.73 -38.21
CA THR B 48 -8.87 -12.26 -37.45
C THR B 48 -9.01 -11.93 -35.96
N LEU B 49 -9.63 -10.80 -35.64
CA LEU B 49 -9.92 -10.51 -34.24
C LEU B 49 -10.87 -11.55 -33.64
N TRP B 50 -11.95 -11.86 -34.35
CA TRP B 50 -12.88 -12.88 -33.88
C TRP B 50 -12.18 -14.24 -33.78
N GLN B 51 -11.41 -14.61 -34.79
CA GLN B 51 -10.70 -15.88 -34.70
C GLN B 51 -9.77 -15.87 -33.49
N ALA B 52 -9.07 -14.74 -33.26
CA ALA B 52 -8.21 -14.64 -32.08
C ALA B 52 -9.02 -14.75 -30.80
N GLU B 53 -10.24 -14.18 -30.79
CA GLU B 53 -11.07 -14.20 -29.59
C GLU B 53 -11.64 -15.59 -29.32
N LYS B 54 -11.79 -16.41 -30.34
CA LYS B 54 -12.18 -17.79 -30.09
C LYS B 54 -10.94 -18.43 -29.46
N GLY B 55 -10.92 -19.74 -29.32
CA GLY B 55 -9.75 -20.33 -28.69
C GLY B 55 -8.40 -20.06 -29.35
N LEU B 56 -8.38 -19.37 -30.49
CA LEU B 56 -7.15 -19.28 -31.28
C LEU B 56 -6.05 -18.51 -30.55
N VAL B 57 -6.35 -17.33 -30.02
CA VAL B 57 -5.37 -16.55 -29.26
C VAL B 57 -5.74 -16.43 -27.78
N TRP B 58 -7.02 -16.38 -27.43
CA TRP B 58 -7.36 -16.02 -26.05
C TRP B 58 -8.02 -17.14 -25.25
N LYS B 59 -8.92 -17.92 -25.83
CA LYS B 59 -9.49 -19.01 -25.03
C LYS B 59 -9.02 -20.37 -25.56
N ASN B 63 -16.57 -15.09 -21.87
CA ASN B 63 -15.52 -14.08 -21.84
C ASN B 63 -15.64 -13.22 -20.58
N GLY B 64 -14.51 -12.78 -20.04
CA GLY B 64 -14.55 -11.99 -18.83
C GLY B 64 -14.55 -10.49 -19.01
N LEU B 65 -14.74 -10.01 -20.24
CA LEU B 65 -14.86 -8.59 -20.50
C LEU B 65 -16.29 -8.17 -20.23
N PRO B 66 -16.57 -6.86 -20.22
CA PRO B 66 -17.94 -6.41 -20.09
C PRO B 66 -18.73 -6.77 -21.33
N PRO B 67 -20.05 -6.62 -21.30
CA PRO B 67 -20.89 -7.04 -22.44
C PRO B 67 -20.42 -6.42 -23.74
N TYR B 68 -20.31 -7.26 -24.76
CA TYR B 68 -19.79 -6.82 -26.05
C TYR B 68 -20.62 -5.66 -26.59
N LYS B 69 -19.94 -4.56 -26.94
CA LYS B 69 -20.60 -3.43 -27.58
C LYS B 69 -20.37 -3.35 -29.10
N GLU B 70 -19.12 -3.43 -29.55
CA GLU B 70 -18.72 -3.14 -30.92
C GLU B 70 -17.19 -3.23 -30.97
N ILE B 71 -16.64 -3.19 -32.20
CA ILE B 71 -15.24 -3.56 -32.40
C ILE B 71 -14.29 -2.54 -31.77
N SER B 72 -14.50 -1.25 -32.05
CA SER B 72 -13.59 -0.24 -31.51
C SER B 72 -13.60 -0.28 -29.98
N VAL B 73 -14.78 -0.47 -29.39
CA VAL B 73 -14.92 -0.52 -27.93
C VAL B 73 -14.33 -1.81 -27.39
N HIS B 74 -14.53 -2.92 -28.11
CA HIS B 74 -13.96 -4.18 -27.64
C HIS B 74 -12.45 -4.05 -27.45
N VAL B 75 -11.76 -3.47 -28.43
CA VAL B 75 -10.32 -3.23 -28.35
C VAL B 75 -10.00 -2.34 -27.15
N PHE B 76 -10.77 -1.28 -26.97
CA PHE B 76 -10.58 -0.41 -25.81
C PHE B 76 -10.60 -1.23 -24.52
N TYR B 77 -11.55 -2.17 -24.39
CA TYR B 77 -11.61 -3.01 -23.19
C TYR B 77 -10.38 -3.91 -23.08
N ARG B 78 -9.91 -4.47 -24.20
CA ARG B 78 -8.70 -5.27 -24.13
C ARG B 78 -7.48 -4.42 -23.75
N CYS B 79 -7.43 -3.17 -24.20
CA CYS B 79 -6.37 -2.28 -23.71
C CYS B 79 -6.46 -2.12 -22.21
N GLN B 80 -7.69 -1.98 -21.69
CA GLN B 80 -7.85 -1.82 -20.24
C GLN B 80 -7.36 -3.05 -19.52
N CYS B 81 -7.73 -4.23 -20.00
CA CYS B 81 -7.32 -5.47 -19.35
CA CYS B 81 -7.32 -5.47 -19.36
C CYS B 81 -5.80 -5.61 -19.35
N THR B 82 -5.17 -5.39 -20.50
CA THR B 82 -3.71 -5.40 -20.55
C THR B 82 -3.12 -4.44 -19.54
N THR B 83 -3.68 -3.24 -19.46
CA THR B 83 -3.13 -2.22 -18.57
C THR B 83 -3.19 -2.67 -17.12
N VAL B 84 -4.35 -3.21 -16.70
CA VAL B 84 -4.51 -3.67 -15.33
C VAL B 84 -3.49 -4.77 -15.02
N GLU B 85 -3.23 -5.65 -15.98
CA GLU B 85 -2.25 -6.71 -15.77
C GLU B 85 -0.83 -6.15 -15.60
N THR B 86 -0.46 -5.15 -16.40
CA THR B 86 0.86 -4.57 -16.26
C THR B 86 0.98 -3.75 -14.98
N VAL B 87 -0.10 -3.10 -14.56
CA VAL B 87 -0.08 -2.39 -13.27
C VAL B 87 0.16 -3.38 -12.14
N ARG B 88 -0.45 -4.55 -12.23
CA ARG B 88 -0.21 -5.60 -11.26
C ARG B 88 1.28 -5.97 -11.22
N GLU B 89 1.90 -6.13 -12.39
CA GLU B 89 3.31 -6.48 -12.43
C GLU B 89 4.19 -5.36 -11.90
N LEU B 90 3.89 -4.12 -12.25
CA LEU B 90 4.70 -3.00 -11.78
C LEU B 90 4.60 -2.86 -10.27
N THR B 91 3.44 -3.18 -9.68
CA THR B 91 3.34 -3.08 -8.24
C THR B 91 4.23 -4.10 -7.55
N GLU B 92 4.27 -5.34 -8.08
CA GLU B 92 5.14 -6.35 -7.50
C GLU B 92 6.61 -6.00 -7.72
N PHE B 93 6.94 -5.48 -8.90
CA PHE B 93 8.29 -5.00 -9.15
C PHE B 93 8.68 -3.94 -8.12
N ALA B 94 7.81 -2.96 -7.90
CA ALA B 94 8.13 -1.89 -6.94
C ALA B 94 8.28 -2.44 -5.52
N LYS B 95 7.36 -3.31 -5.09
CA LYS B 95 7.46 -3.92 -3.77
C LYS B 95 8.71 -4.79 -3.67
N SER B 96 9.23 -5.26 -4.79
CA SER B 96 10.47 -6.03 -4.80
C SER B 96 11.70 -5.15 -4.62
N ILE B 97 11.51 -3.85 -4.41
CA ILE B 97 12.61 -2.95 -4.11
C ILE B 97 12.54 -2.59 -2.62
N PRO B 98 13.46 -3.08 -1.79
CA PRO B 98 13.33 -2.82 -0.35
C PRO B 98 13.10 -1.34 -0.03
N SER B 99 13.85 -0.45 -0.68
CA SER B 99 13.68 0.97 -0.40
C SER B 99 12.28 1.46 -0.72
N PHE B 100 11.59 0.83 -1.68
CA PHE B 100 10.22 1.22 -1.99
C PHE B 100 9.26 0.77 -0.89
N SER B 101 9.39 -0.47 -0.44
CA SER B 101 8.47 -1.05 0.55
C SER B 101 8.63 -0.46 1.94
N SER B 102 9.67 0.31 2.22
CA SER B 102 9.84 0.96 3.52
C SER B 102 9.28 2.37 3.55
N LEU B 103 8.67 2.86 2.47
CA LEU B 103 8.06 4.18 2.45
C LEU B 103 6.67 4.15 3.09
N PHE B 104 6.17 5.33 3.47
CA PHE B 104 4.76 5.46 3.81
C PHE B 104 3.91 4.66 2.82
N LEU B 105 3.07 3.77 3.34
CA LEU B 105 2.24 3.01 2.43
C LEU B 105 1.48 3.91 1.49
N ASN B 106 1.04 5.08 1.99
CA ASN B 106 0.29 5.96 1.13
C ASN B 106 1.19 6.63 0.10
N ASP B 107 2.49 6.79 0.42
CA ASP B 107 3.42 7.31 -0.57
C ASP B 107 3.68 6.27 -1.65
N GLN B 108 3.73 4.98 -1.28
CA GLN B 108 3.80 3.91 -2.27
C GLN B 108 2.66 4.01 -3.28
N VAL B 109 1.45 4.22 -2.78
CA VAL B 109 0.30 4.34 -3.64
C VAL B 109 0.43 5.58 -4.52
N THR B 110 0.94 6.68 -3.96
CA THR B 110 1.11 7.91 -4.72
C THR B 110 2.10 7.70 -5.87
N LEU B 111 3.23 7.03 -5.59
CA LEU B 111 4.19 6.74 -6.64
C LEU B 111 3.58 5.86 -7.74
N LEU B 112 2.88 4.80 -7.37
CA LEU B 112 2.22 3.98 -8.38
C LEU B 112 1.21 4.81 -9.17
N LYS B 113 0.37 5.57 -8.46
CA LYS B 113 -0.69 6.33 -9.11
C LYS B 113 -0.14 7.21 -10.22
N TYR B 114 0.96 7.93 -9.97
CA TYR B 114 1.46 8.89 -10.95
C TYR B 114 2.54 8.32 -11.84
N GLY B 115 3.04 7.14 -11.54
CA GLY B 115 4.11 6.55 -12.34
C GLY B 115 3.74 5.42 -13.29
N VAL B 116 2.64 4.70 -13.06
CA VAL B 116 2.46 3.43 -13.80
C VAL B 116 2.26 3.67 -15.29
N HIS B 117 1.51 4.70 -15.67
CA HIS B 117 1.33 4.90 -17.11
C HIS B 117 2.64 5.32 -17.79
N GLU B 118 3.45 6.17 -17.13
CA GLU B 118 4.75 6.48 -17.69
C GLU B 118 5.58 5.21 -17.91
N ALA B 119 5.58 4.31 -16.92
CA ALA B 119 6.29 3.04 -17.06
C ALA B 119 5.66 2.15 -18.13
N ILE B 120 4.32 2.09 -18.17
CA ILE B 120 3.68 1.24 -19.17
C ILE B 120 4.11 1.64 -20.58
N PHE B 121 4.03 2.93 -20.90
CA PHE B 121 4.40 3.37 -22.25
C PHE B 121 5.88 3.20 -22.52
N ALA B 122 6.72 3.26 -21.50
CA ALA B 122 8.13 2.92 -21.68
C ALA B 122 8.28 1.45 -22.06
N MET B 123 7.63 0.56 -21.30
CA MET B 123 7.78 -0.86 -21.58
C MET B 123 7.08 -1.27 -22.86
N LEU B 124 6.03 -0.54 -23.23
CA LEU B 124 5.33 -0.76 -24.48
C LEU B 124 6.32 -0.84 -25.65
N ALA B 125 7.36 0.00 -25.64
CA ALA B 125 8.31 0.00 -26.76
C ALA B 125 8.94 -1.37 -26.98
N SER B 126 9.13 -2.14 -25.91
CA SER B 126 9.74 -3.46 -26.03
C SER B 126 8.91 -4.42 -26.89
N ILE B 127 7.58 -4.28 -26.90
CA ILE B 127 6.74 -5.22 -27.65
C ILE B 127 6.20 -4.60 -28.95
N VAL B 128 6.77 -3.47 -29.38
CA VAL B 128 6.28 -2.69 -30.50
C VAL B 128 7.32 -2.68 -31.61
N ASN B 129 6.87 -2.79 -32.85
CA ASN B 129 7.69 -2.30 -33.97
C ASN B 129 6.84 -1.38 -34.83
N LYS B 130 7.37 -0.94 -35.96
CA LYS B 130 6.66 0.09 -36.72
C LYS B 130 5.34 -0.40 -37.29
N ASP B 131 5.09 -1.71 -37.32
CA ASP B 131 3.87 -2.23 -37.91
C ASP B 131 2.83 -2.75 -36.91
N GLY B 132 3.16 -2.83 -35.63
CA GLY B 132 2.16 -3.27 -34.66
C GLY B 132 2.82 -3.72 -33.36
N LEU B 133 2.04 -4.43 -32.56
CA LEU B 133 2.48 -4.78 -31.22
C LEU B 133 1.99 -6.19 -30.84
N LEU B 134 2.77 -6.84 -30.00
CA LEU B 134 2.40 -8.13 -29.44
C LEU B 134 1.26 -7.96 -28.45
N VAL B 135 0.36 -8.94 -28.39
CA VAL B 135 -0.72 -8.94 -27.42
C VAL B 135 -0.85 -10.37 -26.89
N ALA B 136 -1.67 -10.52 -25.85
CA ALA B 136 -1.91 -11.83 -25.26
C ALA B 136 -0.58 -12.50 -24.90
N ASN B 137 0.24 -11.77 -24.13
CA ASN B 137 1.53 -12.27 -23.70
C ASN B 137 2.34 -12.84 -24.86
N GLY B 138 2.32 -12.14 -25.99
CA GLY B 138 3.10 -12.54 -27.15
C GLY B 138 2.43 -13.52 -28.10
N SER B 139 1.26 -14.03 -27.77
CA SER B 139 0.67 -15.02 -28.66
C SER B 139 -0.07 -14.38 -29.86
N GLY B 140 -0.28 -13.06 -29.85
CA GLY B 140 -0.88 -12.38 -30.98
C GLY B 140 -0.07 -11.14 -31.36
N PHE B 141 -0.35 -10.63 -32.56
CA PHE B 141 0.28 -9.41 -33.06
C PHE B 141 -0.79 -8.55 -33.74
N VAL B 142 -1.13 -7.39 -33.13
CA VAL B 142 -2.14 -6.50 -33.71
C VAL B 142 -1.46 -5.43 -34.55
N THR B 143 -1.97 -5.21 -35.76
CA THR B 143 -1.29 -4.30 -36.67
C THR B 143 -1.65 -2.85 -36.38
N ARG B 144 -0.67 -1.98 -36.61
CA ARG B 144 -0.87 -0.55 -36.44
C ARG B 144 -1.93 -0.02 -37.40
N GLU B 145 -1.98 -0.58 -38.62
CA GLU B 145 -3.01 -0.21 -39.57
C GLU B 145 -4.39 -0.53 -39.04
N PHE B 146 -4.58 -1.73 -38.51
CA PHE B 146 -5.86 -2.09 -37.91
C PHE B 146 -6.28 -1.10 -36.82
N LEU B 147 -5.35 -0.76 -35.91
CA LEU B 147 -5.71 0.19 -34.85
C LEU B 147 -6.02 1.56 -35.42
N ARG B 148 -5.32 1.96 -36.48
CA ARG B 148 -5.63 3.21 -37.16
C ARG B 148 -7.05 3.23 -37.70
N SER B 149 -7.59 2.06 -38.06
CA SER B 149 -8.87 1.95 -38.74
C SER B 149 -10.05 1.92 -37.78
N LEU B 150 -9.82 1.94 -36.47
CA LEU B 150 -10.94 1.95 -35.54
C LEU B 150 -11.65 3.31 -35.63
N ARG B 151 -12.86 3.38 -35.09
CA ARG B 151 -13.57 4.64 -35.19
C ARG B 151 -13.02 5.63 -34.16
N LYS B 152 -12.96 6.90 -34.55
CA LYS B 152 -12.62 7.90 -33.56
C LYS B 152 -13.63 7.84 -32.42
N PRO B 153 -13.19 8.06 -31.17
CA PRO B 153 -11.85 8.49 -30.76
C PRO B 153 -10.84 7.36 -30.51
N PHE B 154 -11.26 6.10 -30.63
CA PHE B 154 -10.39 5.02 -30.24
C PHE B 154 -9.18 4.89 -31.17
N SER B 155 -9.34 5.31 -32.43
CA SER B 155 -8.28 5.19 -33.43
C SER B 155 -7.15 6.18 -33.19
N ASP B 156 -7.34 7.15 -32.31
CA ASP B 156 -6.30 8.11 -31.98
C ASP B 156 -5.50 7.73 -30.75
N ILE B 157 -5.94 6.73 -29.99
CA ILE B 157 -5.33 6.44 -28.70
C ILE B 157 -3.90 5.96 -28.88
N ILE B 158 -3.69 4.96 -29.73
CA ILE B 158 -2.43 4.21 -29.67
C ILE B 158 -1.39 4.77 -30.64
N GLU B 159 -1.80 5.39 -31.74
CA GLU B 159 -0.83 5.87 -32.72
C GLU B 159 0.31 6.68 -32.12
N PRO B 160 0.07 7.63 -31.21
CA PRO B 160 1.19 8.36 -30.60
C PRO B 160 2.16 7.48 -29.83
N LYS B 161 1.69 6.36 -29.26
CA LYS B 161 2.60 5.45 -28.57
C LYS B 161 3.59 4.82 -29.55
N PHE B 162 3.13 4.51 -30.77
CA PHE B 162 4.04 4.03 -31.80
C PHE B 162 5.12 5.05 -32.11
N GLU B 163 4.73 6.31 -32.27
CA GLU B 163 5.71 7.34 -32.61
C GLU B 163 6.80 7.40 -31.54
N PHE B 164 6.40 7.41 -30.27
CA PHE B 164 7.38 7.40 -29.18
C PHE B 164 8.19 6.12 -29.18
N ALA B 165 7.54 4.98 -29.43
CA ALA B 165 8.21 3.68 -29.30
C ALA B 165 9.31 3.51 -30.34
N VAL B 166 9.09 3.95 -31.57
CA VAL B 166 10.10 3.71 -32.59
C VAL B 166 11.35 4.53 -32.31
N LYS B 167 11.17 5.79 -31.91
CA LYS B 167 12.31 6.60 -31.50
C LYS B 167 12.98 6.02 -30.25
N PHE B 168 12.18 5.53 -29.29
CA PHE B 168 12.74 5.00 -28.05
C PHE B 168 13.54 3.73 -28.31
N ASN B 169 13.04 2.87 -29.20
CA ASN B 169 13.76 1.65 -29.52
C ASN B 169 15.06 1.92 -30.27
N ALA B 170 15.20 3.09 -30.89
CA ALA B 170 16.47 3.43 -31.52
C ALA B 170 17.60 3.48 -30.51
N LEU B 171 17.32 3.77 -29.24
CA LEU B 171 18.37 3.78 -28.24
C LEU B 171 18.89 2.38 -27.91
N GLU B 172 18.21 1.33 -28.31
CA GLU B 172 18.73 -0.03 -28.17
C GLU B 172 19.04 -0.40 -26.72
N LEU B 173 18.20 0.03 -25.80
CA LEU B 173 18.31 -0.43 -24.43
C LEU B 173 18.08 -1.95 -24.38
N ASP B 174 18.71 -2.61 -23.40
CA ASP B 174 18.37 -4.00 -23.12
C ASP B 174 17.62 -4.07 -21.79
N ASP B 175 17.22 -5.28 -21.40
CA ASP B 175 16.39 -5.43 -20.20
C ASP B 175 17.10 -4.92 -18.95
N SER B 176 18.44 -5.02 -18.90
CA SER B 176 19.15 -4.53 -17.72
C SER B 176 19.08 -3.01 -17.63
N ASP B 177 19.17 -2.31 -18.78
CA ASP B 177 18.95 -0.87 -18.79
C ASP B 177 17.52 -0.54 -18.37
N LEU B 178 16.54 -1.25 -18.94
CA LEU B 178 15.14 -0.92 -18.70
C LEU B 178 14.76 -1.10 -17.24
N ALA B 179 15.32 -2.09 -16.57
CA ALA B 179 15.02 -2.29 -15.15
C ALA B 179 15.31 -1.03 -14.34
N LEU B 180 16.48 -0.41 -14.55
CA LEU B 180 16.80 0.80 -13.79
C LEU B 180 15.96 1.98 -14.26
N PHE B 181 15.70 2.05 -15.57
CA PHE B 181 14.90 3.14 -16.12
C PHE B 181 13.49 3.14 -15.55
N ILE B 182 12.85 1.97 -15.52
CA ILE B 182 11.52 1.87 -14.94
C ILE B 182 11.55 2.21 -13.45
N ALA B 183 12.53 1.65 -12.73
CA ALA B 183 12.63 1.96 -11.30
C ALA B 183 12.74 3.47 -11.08
N ALA B 184 13.45 4.18 -11.96
CA ALA B 184 13.58 5.64 -11.82
C ALA B 184 12.25 6.35 -12.11
N ILE B 185 11.48 5.82 -13.05
CA ILE B 185 10.17 6.38 -13.32
C ILE B 185 9.28 6.24 -12.09
N ILE B 186 9.29 5.07 -11.44
CA ILE B 186 8.41 4.89 -10.30
C ILE B 186 8.89 5.74 -9.12
N LEU B 187 10.19 5.76 -8.86
CA LEU B 187 10.72 6.44 -7.67
C LEU B 187 11.03 7.89 -8.01
N CYS B 188 9.96 8.68 -8.10
CA CYS B 188 10.04 10.03 -8.63
C CYS B 188 9.58 11.01 -7.56
N GLY B 189 10.46 11.96 -7.21
CA GLY B 189 10.12 12.88 -6.14
C GLY B 189 9.16 13.99 -6.52
N ASP B 190 8.94 14.21 -7.81
CA ASP B 190 8.06 15.25 -8.32
C ASP B 190 6.58 14.94 -8.16
N ARG B 191 6.21 13.82 -7.54
CA ARG B 191 4.81 13.40 -7.59
C ARG B 191 3.97 14.15 -6.56
N PRO B 192 2.77 14.61 -6.95
CA PRO B 192 1.94 15.40 -6.03
C PRO B 192 1.52 14.59 -4.80
N GLY B 193 1.54 15.26 -3.64
CA GLY B 193 1.00 14.70 -2.42
C GLY B 193 1.89 13.69 -1.74
N LEU B 194 3.15 13.60 -2.13
CA LEU B 194 4.08 12.77 -1.39
C LEU B 194 4.23 13.31 0.02
N MET B 195 4.34 12.42 1.00
CA MET B 195 4.49 12.85 2.38
C MET B 195 5.95 13.08 2.77
N ASN B 196 6.84 12.18 2.36
CA ASN B 196 8.27 12.29 2.63
C ASN B 196 9.01 12.42 1.30
N VAL B 197 9.08 13.65 0.81
CA VAL B 197 9.65 13.96 -0.49
C VAL B 197 11.16 13.76 -0.47
N PRO B 198 11.86 14.21 0.58
CA PRO B 198 13.32 13.99 0.60
C PRO B 198 13.71 12.52 0.57
N ARG B 199 12.92 11.66 1.21
CA ARG B 199 13.22 10.24 1.20
C ARG B 199 13.09 9.65 -0.22
N VAL B 200 12.07 10.06 -0.97
CA VAL B 200 11.93 9.58 -2.34
C VAL B 200 13.02 10.20 -3.21
N GLU B 201 13.34 11.48 -3.01
CA GLU B 201 14.38 12.10 -3.81
C GLU B 201 15.71 11.38 -3.66
N ALA B 202 16.02 10.90 -2.45
CA ALA B 202 17.30 10.22 -2.24
C ALA B 202 17.34 8.86 -2.93
N ILE B 203 16.25 8.09 -2.86
CA ILE B 203 16.19 6.83 -3.60
C ILE B 203 16.28 7.09 -5.10
N GLN B 204 15.51 8.07 -5.58
CA GLN B 204 15.58 8.46 -6.98
C GLN B 204 17.00 8.73 -7.41
N ASP B 205 17.75 9.51 -6.60
CA ASP B 205 19.11 9.86 -6.99
C ASP B 205 20.01 8.63 -7.03
N THR B 206 19.85 7.71 -6.08
CA THR B 206 20.61 6.47 -6.15
C THR B 206 20.34 5.70 -7.45
N ILE B 207 19.07 5.59 -7.86
CA ILE B 207 18.77 4.83 -9.07
C ILE B 207 19.40 5.50 -10.28
N LEU B 208 19.26 6.83 -10.38
CA LEU B 208 19.87 7.57 -11.48
C LEU B 208 21.38 7.42 -11.47
N ARG B 209 22.00 7.44 -10.29
CA ARG B 209 23.43 7.19 -10.21
C ARG B 209 23.75 5.77 -10.67
N ALA B 210 23.01 4.79 -10.15
CA ALA B 210 23.13 3.41 -10.63
C ALA B 210 22.96 3.34 -12.14
N LEU B 211 21.93 3.99 -12.67
CA LEU B 211 21.68 3.93 -14.10
C LEU B 211 22.85 4.47 -14.90
N GLU B 212 23.40 5.63 -14.51
CA GLU B 212 24.51 6.18 -15.29
C GLU B 212 25.72 5.27 -15.24
N PHE B 213 26.02 4.71 -14.07
CA PHE B 213 27.10 3.74 -13.94
C PHE B 213 26.83 2.50 -14.77
N HIS B 214 25.62 1.94 -14.67
CA HIS B 214 25.30 0.77 -15.50
C HIS B 214 25.46 1.06 -16.98
N LEU B 215 25.02 2.23 -17.44
CA LEU B 215 25.10 2.51 -18.87
C LEU B 215 26.55 2.64 -19.34
N GLN B 216 27.42 3.22 -18.50
CA GLN B 216 28.84 3.31 -18.88
C GLN B 216 29.41 1.94 -19.22
N ALA B 217 29.15 0.95 -18.37
CA ALA B 217 29.64 -0.40 -18.62
C ALA B 217 28.92 -1.06 -19.81
N ASN B 218 27.59 -1.06 -19.79
CA ASN B 218 26.82 -1.80 -20.79
C ASN B 218 26.92 -1.15 -22.18
N HIS B 219 26.79 0.18 -22.25
CA HIS B 219 26.94 0.81 -23.57
C HIS B 219 28.15 1.73 -23.66
N PRO B 220 29.36 1.20 -23.83
CA PRO B 220 30.54 2.07 -23.68
C PRO B 220 30.83 2.97 -24.87
N ASP B 221 30.25 2.68 -26.03
CA ASP B 221 30.49 3.52 -27.21
C ASP B 221 29.35 4.50 -27.47
N ALA B 222 28.28 4.43 -26.69
CA ALA B 222 27.11 5.28 -26.87
C ALA B 222 27.37 6.69 -26.34
N GLN B 223 27.17 7.70 -27.20
CA GLN B 223 27.32 9.10 -26.83
C GLN B 223 26.00 9.63 -26.29
N TYR B 224 26.05 10.25 -25.12
CA TYR B 224 24.94 11.02 -24.56
C TYR B 224 23.74 10.17 -24.16
N LEU B 225 23.91 8.86 -23.98
CA LEU B 225 22.76 8.01 -23.72
C LEU B 225 22.08 8.37 -22.41
N PHE B 226 22.85 8.70 -21.37
CA PHE B 226 22.22 9.04 -20.09
C PHE B 226 21.34 10.28 -20.19
N PRO B 227 21.84 11.43 -20.65
CA PRO B 227 20.93 12.59 -20.80
C PRO B 227 19.81 12.34 -21.80
N LYS B 228 20.04 11.53 -22.84
CA LYS B 228 18.93 11.17 -23.71
C LYS B 228 17.79 10.53 -22.91
N LEU B 229 18.14 9.61 -22.01
CA LEU B 229 17.11 8.92 -21.25
C LEU B 229 16.39 9.85 -20.28
N LEU B 230 17.12 10.79 -19.66
CA LEU B 230 16.46 11.77 -18.82
C LEU B 230 15.45 12.57 -19.64
N GLN B 231 15.79 12.92 -20.88
CA GLN B 231 14.85 13.59 -21.74
C GLN B 231 13.66 12.68 -22.05
N LYS B 232 13.91 11.38 -22.28
CA LYS B 232 12.79 10.47 -22.55
C LYS B 232 11.82 10.42 -21.37
N MET B 233 12.34 10.52 -20.15
CA MET B 233 11.47 10.58 -18.97
C MET B 233 10.58 11.81 -19.00
N ALA B 234 11.13 12.95 -19.45
CA ALA B 234 10.31 14.14 -19.62
C ALA B 234 9.27 13.93 -20.72
N ASP B 235 9.68 13.34 -21.85
CA ASP B 235 8.76 13.05 -22.95
C ASP B 235 7.62 12.14 -22.51
N LEU B 236 7.93 11.17 -21.62
CA LEU B 236 6.89 10.26 -21.14
C LEU B 236 5.86 10.99 -20.31
N ARG B 237 6.26 12.02 -19.56
CA ARG B 237 5.27 12.77 -18.78
C ARG B 237 4.28 13.46 -19.70
N GLN B 238 4.77 14.01 -20.80
CA GLN B 238 3.90 14.66 -21.77
C GLN B 238 3.01 13.64 -22.48
N LEU B 239 3.59 12.50 -22.87
CA LEU B 239 2.79 11.47 -23.52
C LEU B 239 1.60 11.06 -22.65
N VAL B 240 1.84 10.91 -21.35
CA VAL B 240 0.78 10.51 -20.43
C VAL B 240 -0.25 11.63 -20.28
N THR B 241 0.21 12.88 -20.23
CA THR B 241 -0.72 14.00 -20.19
C THR B 241 -1.67 13.98 -21.39
N GLU B 242 -1.12 13.77 -22.59
CA GLU B 242 -1.98 13.68 -23.77
C GLU B 242 -2.90 12.47 -23.68
N HIS B 243 -2.38 11.34 -23.19
CA HIS B 243 -3.22 10.16 -23.03
C HIS B 243 -4.36 10.42 -22.05
N ALA B 244 -4.04 11.04 -20.90
CA ALA B 244 -5.08 11.30 -19.91
C ALA B 244 -6.18 12.17 -20.49
N GLN B 245 -5.82 13.16 -21.31
CA GLN B 245 -6.86 13.99 -21.91
C GLN B 245 -7.71 13.21 -22.90
N MET B 246 -7.10 12.35 -23.72
CA MET B 246 -7.88 11.50 -24.61
C MET B 246 -8.84 10.62 -23.80
N MET B 247 -8.36 10.08 -22.69
CA MET B 247 -9.21 9.22 -21.87
C MET B 247 -10.37 10.01 -21.30
N GLN B 248 -10.09 11.23 -20.86
CA GLN B 248 -11.15 12.14 -20.40
C GLN B 248 -12.24 12.33 -21.45
N ARG B 249 -11.85 12.55 -22.71
CA ARG B 249 -12.84 12.75 -23.77
C ARG B 249 -13.73 11.52 -23.93
N ILE B 250 -13.13 10.34 -23.85
CA ILE B 250 -13.91 9.11 -23.96
C ILE B 250 -14.91 9.01 -22.83
N LYS B 251 -14.48 9.32 -21.61
CA LYS B 251 -15.41 9.28 -20.48
C LYS B 251 -16.52 10.30 -20.67
N LYS B 252 -16.24 11.41 -21.36
CA LYS B 252 -17.25 12.43 -21.59
C LYS B 252 -18.21 12.03 -22.70
N THR B 253 -17.69 11.59 -23.85
CA THR B 253 -18.53 11.34 -25.02
C THR B 253 -18.94 9.89 -25.18
N GLU B 254 -18.16 8.92 -24.68
CA GLU B 254 -18.48 7.51 -24.90
C GLU B 254 -19.08 6.88 -23.66
N THR B 255 -20.34 7.17 -23.42
CA THR B 255 -20.95 6.90 -22.13
C THR B 255 -21.50 5.48 -22.06
N GLU B 256 -21.49 4.74 -23.17
CA GLU B 256 -21.76 3.31 -23.13
C GLU B 256 -20.53 2.49 -22.77
N THR B 257 -19.36 3.13 -22.75
CA THR B 257 -18.08 2.46 -22.60
C THR B 257 -17.74 2.34 -21.11
N SER B 258 -17.52 1.11 -20.65
CA SER B 258 -17.22 0.88 -19.24
C SER B 258 -15.77 1.27 -18.94
N LEU B 259 -15.52 1.62 -17.68
CA LEU B 259 -14.20 2.11 -17.24
C LEU B 259 -13.76 1.35 -16.00
N HIS B 260 -12.66 0.59 -16.11
CA HIS B 260 -12.25 -0.27 -15.02
C HIS B 260 -12.01 0.55 -13.76
N PRO B 261 -12.52 0.13 -12.60
CA PRO B 261 -12.40 0.97 -11.41
C PRO B 261 -10.98 1.26 -10.99
N LEU B 262 -10.07 0.29 -11.06
CA LEU B 262 -8.68 0.59 -10.71
C LEU B 262 -8.15 1.73 -11.57
N LEU B 263 -8.38 1.64 -12.88
CA LEU B 263 -7.94 2.69 -13.79
C LEU B 263 -8.68 4.00 -13.52
N GLN B 264 -9.95 3.93 -13.12
CA GLN B 264 -10.67 5.15 -12.79
C GLN B 264 -10.06 5.83 -11.57
N GLU B 265 -9.64 5.05 -10.57
CA GLU B 265 -8.98 5.64 -9.41
C GLU B 265 -7.65 6.28 -9.80
N ILE B 266 -6.86 5.60 -10.62
CA ILE B 266 -5.54 6.13 -10.99
C ILE B 266 -5.70 7.52 -11.61
N TYR B 267 -6.73 7.71 -12.42
CA TYR B 267 -6.93 8.96 -13.13
C TYR B 267 -7.66 10.01 -12.30
N LYS B 268 -8.17 9.65 -11.12
CA LYS B 268 -9.15 10.47 -10.42
C LYS B 268 -8.75 11.95 -10.35
N ASP B 269 -7.58 12.27 -9.83
CA ASP B 269 -7.17 13.69 -9.75
C ASP B 269 -5.82 13.89 -10.46
N MET B 270 -5.84 13.97 -11.78
CA MET B 270 -4.62 14.15 -12.57
C MET B 270 -4.71 15.38 -13.48
C10 9RF C . 0.49 7.01 25.70
C13 9RF C . 1.16 8.30 27.72
C15 9RF C . 3.46 8.65 28.27
C20 9RF C . 3.84 7.93 27.15
C21 9RF C . 2.87 7.41 26.31
C22 9RF C . -3.66 7.65 21.44
C24 9RF C . -3.09 9.89 20.72
C26 9RF C . -2.27 10.26 18.56
C01 9RF C . -2.92 11.80 22.34
C02 9RF C . -3.18 10.33 22.02
C03 9RF C . -3.50 9.45 23.03
C04 9RF C . -3.74 8.12 22.74
C06 9RF C . -2.93 5.68 23.95
C07 9RF C . -1.56 6.15 24.46
C12 9RF C . 1.54 7.59 26.61
C14 9RF C . 2.12 8.84 28.55
C16 9RF C . 4.50 9.26 29.19
C23 9RF C . -3.34 8.55 20.43
C27 9RF C . -3.40 9.93 17.57
F17 9RF C . 5.25 10.16 28.51
F18 9RF C . 5.28 8.26 29.67
F19 9RF C . 3.90 9.97 30.20
N08 9RF C . -0.41 6.04 23.82
N09 9RF C . 0.71 6.50 24.50
O25 9RF C . -2.77 10.83 19.74
O28 9RF C . -4.60 10.21 17.84
O29 9RF C . -3.08 9.37 16.48
S05 9RF C . -4.15 7.01 24.10
S11 9RF C . -1.23 6.87 25.99
H131 9RF C . 0.26 8.42 27.92
H201 9RF C . 4.75 7.80 26.96
H211 9RF C . 3.12 6.93 25.55
H221 9RF C . -3.81 6.75 21.24
H262 9RF C . -1.66 10.89 18.14
H261 9RF C . -1.80 9.45 18.78
H012 9RF C . -2.13 12.09 21.86
H013 9RF C . -2.77 11.89 23.29
H011 9RF C . -3.69 12.33 22.06
H031 9RF C . -3.55 9.75 23.90
H062 9RF C . -2.84 5.43 23.02
H061 9RF C . -3.22 4.91 24.47
H141 9RF C . 1.87 9.33 29.30
H231 9RF C . -3.29 8.26 19.55
C5 B7G D . -11.04 15.78 11.34
O5 B7G D . -9.79 15.92 12.10
C1 B7G D . -8.69 16.77 11.47
C2 B7G D . -8.55 16.68 9.94
C3 B7G D . -9.87 16.83 9.31
C4 B7G D . -10.76 15.72 9.83
C6 B7G D . -11.77 14.55 11.93
O1 B7G D . -7.52 16.45 12.14
C7 B7G D . -6.91 17.51 12.90
C8 B7G D . -6.05 16.94 14.08
C9 B7G D . -5.18 15.72 13.64
C10 B7G D . -3.70 15.82 14.14
C11 B7G D . -3.07 14.46 14.39
C12 B7G D . -2.13 14.50 15.62
O2 B7G D . -7.60 17.73 9.61
O3 B7G D . -9.72 16.71 7.85
O4 B7G D . -12.06 15.74 9.24
O6 B7G D . -12.37 14.85 13.20
C13 B7G D . -1.90 13.13 16.24
H5 B7G D . -11.65 16.52 11.46
H1 B7G D . -8.90 17.71 11.60
H2 B7G D . -8.19 15.84 9.61
H3 B7G D . -10.26 17.70 9.48
H4 B7G D . -10.26 14.92 9.58
H61 B7G D . -11.12 13.83 12.04
H62 B7G D . -12.46 14.28 11.30
H71 B7G D . -7.61 18.08 13.26
H72 B7G D . -6.34 18.03 12.31
H81 B7G D . -6.65 16.66 14.80
H82 B7G D . -5.47 17.65 14.41
H91 B7G D . -5.18 15.66 12.67
H92 B7G D . -5.57 14.91 14.00
H101 B7G D . -3.68 16.33 14.95
H102 B7G D . -3.18 16.28 13.46
H111 B7G D . -2.57 14.18 13.62
H112 B7G D . -3.78 13.81 14.56
H121 B7G D . -1.27 14.86 15.34
H122 B7G D . -2.52 15.08 16.29
HO2 B7G D . -7.38 17.65 8.78
HO3 B7G D . -10.34 16.22 7.55
HO4 B7G D . -12.59 16.19 9.73
HO6 B7G D . -13.15 15.15 13.07
H131 B7G D . -1.03 12.80 15.99
H132 B7G D . -2.59 12.51 15.93
H133 B7G D . -1.95 13.20 17.21
O43 PE3 E . 8.68 8.89 15.41
C42 PE3 E . 8.16 10.19 15.42
C41 PE3 E . 8.23 10.72 16.84
O40 PE3 E . 7.04 11.42 17.09
C39 PE3 E . 7.19 12.81 16.91
C38 PE3 E . 6.37 13.55 17.95
O37 PE3 E . 5.26 13.99 17.25
C36 PE3 E . 5.32 15.33 16.85
C35 PE3 E . 5.55 15.41 15.34
O34 PE3 E . 6.89 15.12 15.10
C33 PE3 E . 7.22 14.84 13.78
C32 PE3 E . 7.88 16.07 13.17
O31 PE3 E . 7.23 16.35 11.95
C30 PE3 E . 7.94 16.03 10.79
C29 PE3 E . 8.61 14.66 10.95
O28 PE3 E . 8.69 14.02 9.71
C27 PE3 E . 9.55 14.58 8.76
C26 PE3 E . 8.77 14.80 7.45
O25 PE3 E . 8.69 13.61 6.71
C24 PE3 E . 7.92 12.62 7.34
C23 PE3 E . 8.88 11.65 8.03
O22 PE3 E . 8.16 10.48 8.26
C21 PE3 E . 8.69 9.68 9.29
C20 PE3 E . 7.60 8.70 9.71
O19 PE3 E . 8.17 7.42 9.71
C18 PE3 E . 7.65 6.63 8.68
C17 PE3 E . 6.46 5.88 9.25
O16 PE3 E . 6.56 4.57 8.81
C15 PE3 E . 5.46 4.18 8.07
C14 PE3 E . 4.32 3.85 9.05
O13 PE3 E . 3.62 2.77 8.49
C12 PE3 E . 3.27 2.95 7.14
C11 PE3 E . 1.82 2.52 6.97
O10 PE3 E . 1.04 3.67 6.90
C9 PE3 E . -0.32 3.42 6.85
C8 PE3 E . -0.98 4.79 6.91
O7 PE3 E . -2.13 4.78 6.12
C6 PE3 E . -2.91 5.92 6.32
C5 PE3 E . -2.60 6.92 5.22
O4 PE3 E . -3.83 7.38 4.78
C3 PE3 E . -3.81 8.72 4.38
C2 PE3 E . -4.95 8.94 3.40
O1 PE3 E . -5.26 10.31 3.39
H43 PE3 E . 8.10 8.38 15.74
H421 PE3 E . 8.70 10.76 14.84
H422 PE3 E . 7.24 10.19 15.11
H411 PE3 E . 8.31 9.98 17.46
H412 PE3 E . 8.99 11.31 16.95
H391 PE3 E . 8.13 13.05 17.00
H392 PE3 E . 6.87 13.05 16.02
H381 PE3 E . 6.11 12.96 18.66
H382 PE3 E . 6.86 14.30 18.31
H361 PE3 E . 4.50 15.77 17.08
H362 PE3 E . 6.06 15.77 17.31
H351 PE3 E . 4.98 14.77 14.89
H352 PE3 E . 5.35 16.31 15.02
H331 PE3 E . 6.40 14.64 13.28
H332 PE3 E . 7.82 14.09 13.74
H321 PE3 E . 7.80 16.82 13.77
H322 PE3 E . 8.82 15.88 13.00
H301 PE3 E . 7.32 15.99 10.04
H302 PE3 E . 8.61 16.71 10.62
H291 PE3 E . 9.51 14.79 11.30
H292 PE3 E . 8.10 14.12 11.57
H271 PE3 E . 10.29 13.97 8.59
H272 PE3 E . 9.89 15.42 9.08
H261 PE3 E . 7.87 15.11 7.67
H262 PE3 E . 9.23 15.47 6.92
H241 PE3 E . 7.33 13.02 8.00
H242 PE3 E . 7.40 12.14 6.67
H231 PE3 E . 9.64 11.46 7.45
H232 PE3 E . 9.19 12.02 8.87
H211 PE3 E . 8.93 10.24 10.04
H212 PE3 E . 9.47 9.20 8.96
H201 PE3 E . 7.29 8.91 10.60
H202 PE3 E . 6.87 8.73 9.08
H181 PE3 E . 8.32 5.99 8.37
H182 PE3 E . 7.37 7.18 7.94
H171 PE3 E . 6.48 5.91 10.22
H172 PE3 E . 5.63 6.28 8.94
H151 PE3 E . 5.68 3.38 7.56
H152 PE3 E . 5.18 4.89 7.48
H141 PE3 E . 3.74 4.62 9.14
H142 PE3 E . 4.68 3.61 9.91
H121 PE3 E . 3.36 3.89 6.90
H122 PE3 E . 3.84 2.41 6.58
H111 PE3 E . 1.56 1.98 7.73
H112 PE3 E . 1.73 2.01 6.15
H91 PE3 E . -0.56 2.97 6.03
H92 PE3 E . -0.60 2.88 7.62
H81 PE3 E . -1.22 5.00 7.83
H82 PE3 E . -0.36 5.46 6.57
H61 PE3 E . -2.70 6.31 7.18
H62 PE3 E . -3.85 5.68 6.29
H51 PE3 E . -2.12 6.49 4.49
H52 PE3 E . -2.06 7.66 5.56
H31 PE3 E . -3.93 9.30 5.15
H32 PE3 E . -2.97 8.92 3.95
H21 PE3 E . -5.73 8.43 3.67
H22 PE3 E . -4.68 8.66 2.50
HO1 PE3 E . -5.26 10.60 4.19
C10 9RF F . -3.23 -2.77 -25.95
C13 9RF F . -4.48 -4.94 -26.23
C15 9RF F . -5.64 -5.46 -28.26
C20 9RF F . -5.25 -4.25 -28.80
C21 9RF F . -4.47 -3.38 -28.06
C22 9RF F . -2.83 2.08 -22.79
C24 9RF F . -5.17 2.50 -22.44
C26 9RF F . -6.00 2.18 -20.28
C01 9RF F . -6.80 2.65 -24.36
C02 9RF F . -5.40 2.45 -23.80
C03 9RF F . -4.35 2.22 -24.65
C04 9RF F . -3.06 2.05 -24.15
C06 9RF F . -0.85 0.25 -24.68
C07 9RF F . -1.76 -0.94 -24.98
C12 9RF F . -4.08 -3.73 -26.77
C14 9RF F . -5.25 -5.81 -26.97
C16 9RF F . -6.51 -6.43 -29.07
C23 9RF F . -3.89 2.32 -21.95
C27 9RF F . -5.47 3.31 -19.38
F17 9RF F . -7.59 -6.71 -28.30
F18 9RF F . -5.87 -7.59 -29.38
F19 9RF F . -6.95 -5.84 -30.22
N08 9RF F . -2.26 -1.80 -24.10
N09 9RF F . -3.06 -2.80 -24.63
O25 9RF F . -6.23 2.71 -21.57
O28 9RF F . -5.25 4.45 -19.86
O29 9RF F . -5.28 3.10 -18.15
S05 9RF F . -1.68 1.75 -25.28
S11 9RF F . -2.35 -1.41 -26.53
H131 9RF F . -4.23 -5.17 -25.37
H201 9RF F . -5.52 -4.02 -29.65
H211 9RF F . -4.21 -2.56 -28.42
H221 9RF F . -1.98 1.94 -22.46
H262 9RF F . -6.83 1.83 -19.92
H261 9RF F . -5.34 1.47 -20.34
H012 9RF F . -7.41 2.01 -23.95
H013 9RF F . -6.79 2.51 -25.32
H011 9RF F . -7.10 3.56 -24.17
H031 9RF F . -4.50 2.18 -25.57
H062 9RF F . -0.69 0.32 -23.72
H061 9RF F . 0.00 0.14 -25.14
H141 9RF F . -5.51 -6.63 -26.61
H231 9RF F . -3.74 2.37 -21.03
C5 B7G G . -9.08 13.29 -15.78
O5 B7G G . -9.57 11.98 -16.22
C1 B7G G . -10.83 11.48 -15.55
C2 B7G G . -10.85 11.67 -14.03
C3 B7G G . -10.49 13.06 -13.70
C4 B7G G . -9.15 13.46 -14.25
C6 B7G G . -7.67 13.48 -16.32
O1 B7G G . -10.99 10.16 -15.91
C7 B7G G . -11.30 9.92 -17.30
C8 B7G G . -10.58 8.59 -17.74
C9 B7G G . -10.56 7.55 -16.56
C10 B7G G . -10.93 6.11 -17.02
C11 B7G G . -9.76 5.38 -17.68
C12 B7G G . -10.16 4.02 -18.28
O2 B7G G . -12.19 11.37 -13.57
O3 B7G G . -10.47 13.25 -12.25
O4 B7G G . -8.89 14.85 -14.01
O6 B7G G . -7.74 14.25 -17.54
C13 B7G G . -11.39 3.43 -17.62
H5 B7G G . -9.63 14.00 -16.14
H1 B7G G . -11.60 11.98 -15.86
H2 B7G G . -10.24 11.07 -13.58
H3 B7G G . -11.17 13.63 -14.10
H4 B7G G . -8.49 12.92 -13.79
H61 B7G G . -7.27 12.63 -16.51
H62 B7G G . -7.13 13.96 -15.67
H71 B7G G . -10.98 10.66 -17.84
H72 B7G G . -12.26 9.82 -17.42
H81 B7G G . -9.67 8.79 -18.00
H82 B7G G . -11.06 8.21 -18.50
H91 B7G G . -11.19 7.83 -15.88
H92 B7G G . -9.67 7.53 -16.17
H101 B7G G . -11.66 6.16 -17.65
H102 B7G G . -11.22 5.59 -16.25
H111 B7G G . -9.07 5.23 -17.02
H112 B7G G . -9.40 5.94 -18.39
H121 B7G G . -9.42 3.40 -18.19
H122 B7G G . -10.34 4.14 -19.23
HO2 B7G G . -12.66 12.07 -13.57
HO3 B7G G . -10.20 14.04 -12.07
HO4 B7G G . -8.30 14.93 -13.40
HO6 B7G G . -7.87 15.07 -17.35
H131 B7G G . -11.27 3.45 -16.65
H132 B7G G . -12.17 3.94 -17.86
H133 B7G G . -11.50 2.51 -17.91
O43 PE3 H . -4.98 -8.72 -14.20
C42 PE3 H . -5.74 -8.60 -15.37
C41 PE3 H . -7.23 -8.50 -15.04
O40 PE3 H . -7.92 -7.88 -16.11
C39 PE3 H . -9.18 -7.38 -15.76
C38 PE3 H . -9.55 -6.18 -16.63
O37 PE3 H . -10.29 -6.63 -17.74
C36 PE3 H . -10.68 -5.64 -18.66
C35 PE3 H . -11.71 -4.69 -18.02
O34 PE3 H . -12.53 -4.11 -18.98
C33 PE3 H . -12.95 -2.82 -18.70
C32 PE3 H . -14.23 -2.86 -17.86
O31 PE3 H . -13.90 -3.23 -16.55
C30 PE3 H . -14.92 -3.82 -15.80
C29 PE3 H . -15.38 -2.85 -14.71
O28 PE3 H . -15.93 -3.59 -13.65
C27 PE3 H . -16.39 -2.80 -12.58
C26 PE3 H . -17.11 -3.71 -11.57
O25 PE3 H . -16.25 -3.90 -10.47
C24 PE3 H . -16.45 -3.00 -9.41
C23 PE3 H . -16.18 -3.66 -8.05
O22 PE3 H . -14.80 -3.82 -7.87
C21 PE3 H . -14.38 -5.10 -8.25
C20 PE3 H . -12.95 -4.98 -8.77
O19 PE3 H . -12.45 -6.23 -9.16
C18 PE3 H . -11.14 -6.46 -8.69
C17 PE3 H . -10.11 -5.98 -9.73
O16 PE3 H . -8.86 -6.55 -9.42
C15 PE3 H . -7.75 -5.83 -9.91
C14 PE3 H . -6.62 -5.87 -8.89
O13 PE3 H . -5.52 -5.12 -9.36
C12 PE3 H . -4.50 -5.04 -8.42
C11 PE3 H . -3.42 -4.03 -8.82
O10 PE3 H . -2.89 -3.57 -7.60
C9 PE3 H . -2.06 -2.46 -7.70
C8 PE3 H . -2.77 -1.21 -7.17
O7 PE3 H . -2.24 -0.13 -7.89
C6 PE3 H . -2.11 1.09 -7.19
C5 PE3 H . -3.45 1.83 -7.22
O4 PE3 H . -3.25 3.21 -7.24
C3 PE3 H . -4.47 3.87 -7.00
C2 PE3 H . -4.25 5.37 -6.83
O1 PE3 H . -5.37 5.85 -6.12
H43 PE3 H . -5.16 -9.46 -13.82
H421 PE3 H . -5.58 -9.37 -15.94
H422 PE3 H . -5.47 -7.80 -15.85
H411 PE3 H . -7.59 -9.39 -14.89
H412 PE3 H . -7.35 -7.96 -14.24
H391 PE3 H . -9.85 -8.08 -15.87
H392 PE3 H . -9.17 -7.11 -14.82
H381 PE3 H . -10.09 -5.56 -16.12
H382 PE3 H . -8.75 -5.74 -16.93
H361 PE3 H . -9.91 -5.13 -18.93
H362 PE3 H . -11.09 -6.07 -19.44
H351 PE3 H . -12.26 -5.20 -17.39
H352 PE3 H . -11.24 -3.99 -17.55
H331 PE3 H . -13.12 -2.33 -19.52
H332 PE3 H . -12.25 -2.36 -18.20
H321 PE3 H . -14.64 -1.98 -17.85
H322 PE3 H . -14.84 -3.51 -18.24
H301 PE3 H . -15.66 -4.04 -16.38
H302 PE3 H . -14.58 -4.63 -15.39
H291 PE3 H . -14.62 -2.33 -14.40
H292 PE3 H . -16.05 -2.26 -15.08
H271 PE3 H . -17.02 -2.14 -12.92
H272 PE3 H . -15.65 -2.36 -12.15
H261 PE3 H . -17.32 -4.55 -11.98
H262 PE3 H . -17.93 -3.27 -11.27
H241 PE3 H . -15.86 -2.24 -9.52
H242 PE3 H . -17.38 -2.71 -9.43
H231 PE3 H . -16.53 -3.09 -7.34
H232 PE3 H . -16.61 -4.52 -8.02
H211 PE3 H . -14.95 -5.44 -8.96
H212 PE3 H . -14.39 -5.70 -7.49
H201 PE3 H . -12.93 -4.39 -9.55
H202 PE3 H . -12.38 -4.62 -8.08
H181 PE3 H . -11.00 -5.96 -7.87
H182 PE3 H . -11.01 -7.40 -8.52
H171 PE3 H . -10.39 -6.27 -10.61
H172 PE3 H . -10.05 -5.02 -9.70
H151 PE3 H . -8.02 -4.91 -10.07
H152 PE3 H . -7.45 -6.23 -10.75
H141 PE3 H . -6.35 -6.78 -8.74
H142 PE3 H . -6.92 -5.49 -8.05
H121 PE3 H . -4.89 -4.76 -7.58
H122 PE3 H . -4.09 -5.91 -8.32
H111 PE3 H . -3.81 -3.30 -9.33
H112 PE3 H . -2.73 -4.47 -9.35
H91 PE3 H . -1.26 -2.62 -7.16
H92 PE3 H . -1.80 -2.33 -8.62
H81 PE3 H . -3.72 -1.28 -7.34
H82 PE3 H . -2.60 -1.11 -6.23
H61 PE3 H . -1.43 1.64 -7.62
H62 PE3 H . -1.86 0.91 -6.27
H51 PE3 H . -3.96 1.59 -6.43
H52 PE3 H . -3.94 1.56 -8.02
H31 PE3 H . -5.06 3.72 -7.76
H32 PE3 H . -4.87 3.51 -6.19
H21 PE3 H . -3.45 5.54 -6.33
H22 PE3 H . -4.20 5.80 -7.69
HO1 PE3 H . -6.05 5.86 -6.63
#